data_2H4T
#
_entry.id   2H4T
#
_cell.length_a   73.770
_cell.length_b   73.800
_cell.length_c   90.560
_cell.angle_alpha   70.65
_cell.angle_beta   73.62
_cell.angle_gamma   88.06
#
_symmetry.space_group_name_H-M   'P 1'
#
loop_
_entity.id
_entity.type
_entity.pdbx_description
1 polymer 'Carnitine O-palmitoyltransferase II, mitochondrial'
2 non-polymer DODECANE
3 water water
#
_entity_poly.entity_id   1
_entity_poly.type   'polypeptide(L)'
_entity_poly.pdbx_seq_one_letter_code
;ADDYLQHSIVPTMHYQDSLPRLPIPKLEDTMKRYLNAQKPLLDDSQFRRTEALCKNFETGVGKELHAHLLAQDKQNKHTS
YISGPWFDMYLTARDSIVLNFNPFMAFNPDPKSEYNDQLTRATNLTVSAVRFLKTLQAGLLEPEVFHLNPSKSDTDAFKR
LIRFVPPSLSWYGAYLVNAYPLDMSQYFRLFNSTRIPRPNRDELFTDTKARHLLVLRKGHFYVFDVLDQDGNIVNPLEIQ
AHLKYILSDSSPVPEFPVAYLTSENRDVWAELRQKLIFDGNEETLKKVDSAVFCLCLDDFPMKDLIHLSHTMLHGDGTNR
WFDKSFNLIVAEDGTAAVHFEHSWGDGVAVLRFFNEVFRDSTQTPAITPQSQPAATNSSASVETLSFNLSGALKAGITAA
KEKFDTTVKTLSIDSIQFQRGGKEFLKKKQLSPDAVAQLAFQMAFLRQYGQTVATYESCSTAAFKHGRTETIRPASIFTK
RCSEAFVRDPSKHSVGELQHMMAECSKYHGQLTKEATMGQGFDRHLYALRYLATARGLNLPELYLDPAYQQMNHNILSTS
TLNSPAVSLGGFAPVVPDGFGIAYAVHDDWIGCNVSSYSGRNAREFLHCVQKCLEDIFDALEGKAI
;
_entity_poly.pdbx_strand_id   A,B
#
# COMPACT_ATOMS: atom_id res chain seq x y z
N ALA A 1 -4.01 57.22 -9.37
CA ALA A 1 -4.95 57.86 -8.40
C ALA A 1 -6.02 56.86 -7.95
N ASP A 2 -5.96 55.64 -8.47
CA ASP A 2 -6.93 54.61 -8.12
C ASP A 2 -6.34 53.56 -7.16
N ASP A 3 -7.10 52.51 -6.92
CA ASP A 3 -6.65 51.45 -6.01
C ASP A 3 -6.07 50.23 -6.73
N TYR A 4 -5.71 50.39 -7.99
CA TYR A 4 -5.15 49.28 -8.77
C TYR A 4 -3.63 49.42 -8.82
N LEU A 5 -2.92 48.30 -8.76
CA LEU A 5 -1.46 48.34 -8.79
C LEU A 5 -0.93 47.94 -10.16
N GLN A 6 -1.83 47.91 -11.15
CA GLN A 6 -1.47 47.59 -12.52
C GLN A 6 -2.64 48.01 -13.39
N HIS A 7 -2.35 48.47 -14.60
CA HIS A 7 -3.39 48.93 -15.51
C HIS A 7 -3.15 48.33 -16.90
N SER A 8 -3.46 47.04 -17.02
CA SER A 8 -3.28 46.33 -18.27
C SER A 8 -4.20 46.76 -19.40
N ILE A 9 -3.61 47.01 -20.56
CA ILE A 9 -4.33 47.41 -21.76
C ILE A 9 -5.00 46.18 -22.34
N VAL A 10 -4.52 45.01 -21.91
CA VAL A 10 -5.04 43.72 -22.34
C VAL A 10 -5.80 43.11 -21.18
N PRO A 11 -7.08 42.76 -21.38
CA PRO A 11 -7.84 42.16 -20.27
C PRO A 11 -7.09 40.97 -19.67
N THR A 12 -7.12 40.88 -18.34
CA THR A 12 -6.45 39.81 -17.62
C THR A 12 -6.73 38.44 -18.22
N MET A 13 -8.00 38.15 -18.47
CA MET A 13 -8.38 36.84 -19.01
C MET A 13 -8.46 36.79 -20.53
N HIS A 14 -7.81 37.73 -21.20
CA HIS A 14 -7.88 37.81 -22.66
C HIS A 14 -7.50 36.56 -23.45
N TYR A 15 -6.62 35.72 -22.89
CA TYR A 15 -6.19 34.52 -23.60
C TYR A 15 -6.83 33.20 -23.17
N GLN A 16 -7.65 33.23 -22.14
CA GLN A 16 -8.26 32.00 -21.61
C GLN A 16 -9.11 31.16 -22.57
N ASP A 17 -9.90 31.80 -23.42
CA ASP A 17 -10.75 31.06 -24.36
C ASP A 17 -10.00 30.36 -25.47
N SER A 18 -8.78 30.81 -25.77
CA SER A 18 -8.03 30.18 -26.85
C SER A 18 -6.80 29.36 -26.42
N LEU A 19 -6.67 29.07 -25.13
CA LEU A 19 -5.55 28.27 -24.65
C LEU A 19 -5.64 26.86 -25.21
N PRO A 20 -4.49 26.30 -25.64
CA PRO A 20 -4.48 24.95 -26.21
C PRO A 20 -4.87 23.92 -25.15
N ARG A 21 -5.47 22.82 -25.60
CA ARG A 21 -5.89 21.77 -24.68
C ARG A 21 -4.71 20.92 -24.23
N LEU A 22 -4.75 20.49 -22.97
CA LEU A 22 -3.68 19.66 -22.43
C LEU A 22 -3.71 18.33 -23.18
N PRO A 23 -2.64 18.02 -23.93
CA PRO A 23 -2.64 16.76 -24.65
C PRO A 23 -2.46 15.53 -23.76
N ILE A 24 -2.93 14.40 -24.27
CA ILE A 24 -2.81 13.13 -23.57
C ILE A 24 -1.78 12.37 -24.38
N PRO A 25 -0.73 11.83 -23.72
CA PRO A 25 0.31 11.09 -24.44
C PRO A 25 -0.23 9.81 -25.07
N LYS A 26 0.51 9.28 -26.04
CA LYS A 26 0.13 8.01 -26.64
C LYS A 26 0.52 6.99 -25.57
N LEU A 27 -0.28 5.94 -25.40
CA LEU A 27 0.03 4.96 -24.36
C LEU A 27 1.40 4.34 -24.56
N GLU A 28 1.81 4.20 -25.82
CA GLU A 28 3.10 3.63 -26.15
C GLU A 28 4.25 4.48 -25.61
N ASP A 29 4.11 5.79 -25.68
CA ASP A 29 5.16 6.69 -25.20
C ASP A 29 5.25 6.70 -23.67
N THR A 30 4.10 6.72 -23.01
CA THR A 30 4.04 6.73 -21.56
C THR A 30 4.70 5.48 -20.98
N MET A 31 4.36 4.32 -21.51
CA MET A 31 4.94 3.08 -21.01
C MET A 31 6.46 3.09 -21.16
N LYS A 32 6.94 3.61 -22.27
CA LYS A 32 8.37 3.68 -22.54
C LYS A 32 9.04 4.65 -21.57
N ARG A 33 8.39 5.78 -21.32
CA ARG A 33 8.92 6.78 -20.41
C ARG A 33 8.89 6.27 -18.98
N TYR A 34 7.84 5.55 -18.62
CA TYR A 34 7.72 4.97 -17.30
C TYR A 34 8.90 4.01 -17.09
N LEU A 35 9.16 3.17 -18.09
CA LEU A 35 10.26 2.21 -17.99
C LEU A 35 11.62 2.90 -17.93
N ASN A 36 11.79 3.96 -18.73
CA ASN A 36 13.06 4.70 -18.72
C ASN A 36 13.37 5.20 -17.31
N ALA A 37 12.35 5.74 -16.64
CA ALA A 37 12.54 6.26 -15.29
C ALA A 37 12.82 5.16 -14.26
N GLN A 38 12.37 3.95 -14.56
CA GLN A 38 12.59 2.81 -13.66
C GLN A 38 13.99 2.21 -13.78
N LYS A 39 14.63 2.40 -14.94
CA LYS A 39 15.96 1.84 -15.17
C LYS A 39 16.98 2.09 -14.06
N PRO A 40 17.09 3.34 -13.58
CA PRO A 40 18.08 3.55 -12.52
C PRO A 40 17.65 3.09 -11.12
N LEU A 41 16.38 2.73 -10.97
CA LEU A 41 15.87 2.31 -9.66
C LEU A 41 15.73 0.81 -9.42
N LEU A 42 15.49 0.04 -10.47
CA LEU A 42 15.28 -1.39 -10.32
C LEU A 42 16.48 -2.25 -10.69
N ASP A 43 16.58 -3.42 -10.05
CA ASP A 43 17.66 -4.33 -10.40
C ASP A 43 17.13 -5.10 -11.62
N ASP A 44 17.99 -5.87 -12.28
CA ASP A 44 17.55 -6.58 -13.49
C ASP A 44 16.30 -7.42 -13.32
N SER A 45 16.22 -8.17 -12.23
CA SER A 45 15.06 -9.01 -12.00
C SER A 45 13.78 -8.20 -11.84
N GLN A 46 13.85 -7.13 -11.05
CA GLN A 46 12.69 -6.26 -10.83
C GLN A 46 12.25 -5.60 -12.13
N PHE A 47 13.22 -5.15 -12.92
CA PHE A 47 12.92 -4.51 -14.20
C PHE A 47 12.22 -5.46 -15.16
N ARG A 48 12.69 -6.69 -15.25
CA ARG A 48 12.07 -7.67 -16.15
C ARG A 48 10.60 -7.85 -15.80
N ARG A 49 10.30 -8.01 -14.51
CA ARG A 49 8.92 -8.18 -14.07
C ARG A 49 8.07 -6.97 -14.45
N THR A 50 8.61 -5.78 -14.21
CA THR A 50 7.91 -4.55 -14.53
C THR A 50 7.72 -4.36 -16.03
N GLU A 51 8.76 -4.68 -16.80
CA GLU A 51 8.64 -4.55 -18.25
C GLU A 51 7.52 -5.46 -18.76
N ALA A 52 7.42 -6.66 -18.21
CA ALA A 52 6.38 -7.61 -18.62
C ALA A 52 4.99 -7.05 -18.29
N LEU A 53 4.86 -6.46 -17.09
CA LEU A 53 3.60 -5.87 -16.68
C LEU A 53 3.21 -4.73 -17.60
N CYS A 54 4.20 -3.95 -18.04
CA CYS A 54 3.92 -2.85 -18.96
C CYS A 54 3.41 -3.36 -20.30
N LYS A 55 4.06 -4.39 -20.84
CA LYS A 55 3.65 -4.95 -22.12
C LYS A 55 2.20 -5.41 -22.05
N ASN A 56 1.86 -6.09 -20.96
CA ASN A 56 0.50 -6.58 -20.77
C ASN A 56 -0.47 -5.41 -20.65
N PHE A 57 -0.09 -4.41 -19.87
CA PHE A 57 -0.94 -3.23 -19.68
C PHE A 57 -1.23 -2.54 -21.00
N GLU A 58 -0.19 -2.31 -21.79
CA GLU A 58 -0.33 -1.62 -23.07
C GLU A 58 -1.26 -2.34 -24.05
N THR A 59 -1.30 -3.66 -23.98
CA THR A 59 -2.16 -4.42 -24.90
C THR A 59 -3.49 -4.83 -24.28
N GLY A 60 -3.53 -4.86 -22.95
CA GLY A 60 -4.76 -5.27 -22.28
C GLY A 60 -5.59 -4.14 -21.70
N VAL A 61 -5.83 -4.21 -20.39
CA VAL A 61 -6.63 -3.23 -19.67
C VAL A 61 -6.16 -1.80 -19.90
N GLY A 62 -4.83 -1.60 -19.95
CA GLY A 62 -4.30 -0.27 -20.16
C GLY A 62 -4.82 0.34 -21.45
N LYS A 63 -4.80 -0.45 -22.52
CA LYS A 63 -5.28 -0.02 -23.82
C LYS A 63 -6.76 0.38 -23.72
N GLU A 64 -7.51 -0.40 -22.95
CA GLU A 64 -8.93 -0.16 -22.77
C GLU A 64 -9.18 1.12 -21.96
N LEU A 65 -8.48 1.25 -20.83
CA LEU A 65 -8.64 2.43 -19.99
C LEU A 65 -8.25 3.68 -20.76
N HIS A 66 -7.21 3.58 -21.57
CA HIS A 66 -6.75 4.72 -22.36
C HIS A 66 -7.83 5.18 -23.34
N ALA A 67 -8.52 4.21 -23.96
CA ALA A 67 -9.57 4.54 -24.90
C ALA A 67 -10.65 5.35 -24.18
N HIS A 68 -11.08 4.88 -23.02
CA HIS A 68 -12.10 5.58 -22.24
C HIS A 68 -11.61 6.98 -21.87
N LEU A 69 -10.33 7.09 -21.50
CA LEU A 69 -9.78 8.38 -21.11
C LEU A 69 -9.86 9.37 -22.27
N LEU A 70 -9.54 8.92 -23.47
CA LEU A 70 -9.60 9.79 -24.64
C LEU A 70 -11.04 10.19 -24.92
N ALA A 71 -11.96 9.23 -24.82
CA ALA A 71 -13.37 9.49 -25.07
C ALA A 71 -13.92 10.51 -24.07
N GLN A 72 -13.48 10.39 -22.82
CA GLN A 72 -13.92 11.30 -21.78
C GLN A 72 -13.40 12.71 -22.06
N ASP A 73 -12.14 12.80 -22.46
CA ASP A 73 -11.52 14.09 -22.76
C ASP A 73 -12.26 14.84 -23.87
N LYS A 74 -12.68 14.11 -24.90
CA LYS A 74 -13.40 14.70 -26.02
C LYS A 74 -14.74 15.28 -25.60
N GLN A 75 -15.33 14.69 -24.56
CA GLN A 75 -16.62 15.14 -24.07
C GLN A 75 -16.47 16.32 -23.12
N ASN A 76 -15.22 16.67 -22.81
CA ASN A 76 -14.96 17.77 -21.89
C ASN A 76 -13.78 18.61 -22.37
N LYS A 77 -13.90 19.17 -23.56
CA LYS A 77 -12.84 19.99 -24.14
C LYS A 77 -12.65 21.34 -23.45
N HIS A 78 -13.57 21.68 -22.55
CA HIS A 78 -13.49 22.94 -21.83
C HIS A 78 -12.52 22.87 -20.65
N THR A 79 -12.03 21.66 -20.37
CA THR A 79 -11.10 21.47 -19.26
C THR A 79 -9.94 20.58 -19.70
N SER A 80 -9.21 20.07 -18.71
CA SER A 80 -8.08 19.20 -18.96
C SER A 80 -8.45 17.86 -18.32
N TYR A 81 -7.85 16.78 -18.79
CA TYR A 81 -8.17 15.47 -18.24
C TYR A 81 -7.64 15.27 -16.82
N ILE A 82 -6.61 16.03 -16.46
CA ILE A 82 -5.99 15.89 -15.15
C ILE A 82 -6.49 16.80 -14.01
N SER A 83 -7.03 17.97 -14.34
CA SER A 83 -7.46 18.89 -13.30
C SER A 83 -8.45 18.34 -12.28
N GLY A 84 -9.56 17.76 -12.76
CA GLY A 84 -10.54 17.21 -11.84
C GLY A 84 -9.97 16.14 -10.93
N PRO A 85 -9.35 15.09 -11.48
CA PRO A 85 -8.77 14.01 -10.67
C PRO A 85 -7.74 14.50 -9.65
N TRP A 86 -6.98 15.52 -10.03
CA TRP A 86 -5.94 16.07 -9.15
C TRP A 86 -6.58 16.77 -7.95
N PHE A 87 -7.58 17.61 -8.21
CA PHE A 87 -8.28 18.28 -7.13
C PHE A 87 -8.88 17.24 -6.20
N ASP A 88 -9.51 16.24 -6.80
CA ASP A 88 -10.16 15.18 -6.03
C ASP A 88 -9.18 14.49 -5.09
N MET A 89 -7.96 14.27 -5.58
CA MET A 89 -6.94 13.60 -4.77
C MET A 89 -6.59 14.37 -3.50
N TYR A 90 -6.37 15.67 -3.64
CA TYR A 90 -6.01 16.47 -2.49
C TYR A 90 -7.15 16.84 -1.56
N LEU A 91 -8.35 17.03 -2.11
CA LEU A 91 -9.48 17.36 -1.26
C LEU A 91 -9.96 16.13 -0.49
N THR A 92 -9.66 14.96 -1.04
CA THR A 92 -10.05 13.70 -0.40
C THR A 92 -9.05 13.31 0.67
N ALA A 93 -7.78 13.61 0.45
CA ALA A 93 -6.75 13.27 1.43
C ALA A 93 -7.22 13.71 2.82
N ARG A 94 -7.02 12.86 3.83
CA ARG A 94 -7.45 13.17 5.19
C ARG A 94 -6.30 13.62 6.09
N ASP A 95 -5.08 13.60 5.58
CA ASP A 95 -3.91 14.00 6.37
C ASP A 95 -3.96 15.47 6.71
N SER A 96 -3.26 15.83 7.79
CA SER A 96 -3.15 17.22 8.21
C SER A 96 -2.55 17.95 7.03
N ILE A 97 -3.02 19.16 6.75
CA ILE A 97 -2.49 19.91 5.62
C ILE A 97 -1.14 20.56 5.96
N VAL A 98 -0.86 20.70 7.25
CA VAL A 98 0.40 21.29 7.69
C VAL A 98 1.50 20.25 7.47
N LEU A 99 2.61 20.70 6.90
CA LEU A 99 3.78 19.87 6.59
C LEU A 99 3.52 18.94 5.40
N ASN A 100 2.46 18.14 5.47
CA ASN A 100 2.19 17.24 4.36
C ASN A 100 1.97 17.96 3.03
N PHE A 101 1.31 19.11 3.04
CA PHE A 101 1.02 19.83 1.80
C PHE A 101 1.30 21.33 1.74
N ASN A 102 0.97 22.07 2.78
CA ASN A 102 1.18 23.52 2.78
C ASN A 102 2.64 23.96 2.76
N PRO A 103 3.03 24.76 1.74
CA PRO A 103 4.41 25.26 1.66
C PRO A 103 4.44 26.74 2.03
N PHE A 104 5.62 27.36 1.96
CA PHE A 104 5.75 28.78 2.27
C PHE A 104 6.79 29.44 1.38
N MET A 105 6.64 30.74 1.23
CA MET A 105 7.56 31.57 0.46
C MET A 105 7.76 32.81 1.32
N ALA A 106 9.01 33.16 1.59
CA ALA A 106 9.31 34.35 2.41
C ALA A 106 9.79 35.50 1.54
N PHE A 107 9.31 36.70 1.86
CA PHE A 107 9.68 37.90 1.12
C PHE A 107 11.08 38.38 1.47
N ASN A 108 11.69 39.11 0.55
CA ASN A 108 12.98 39.72 0.84
C ASN A 108 12.56 40.96 1.63
N PRO A 109 13.47 41.52 2.44
CA PRO A 109 13.12 42.72 3.22
C PRO A 109 12.93 43.89 2.27
N ASP A 110 12.28 44.94 2.73
CA ASP A 110 12.13 46.14 1.89
C ASP A 110 13.56 46.66 1.90
N PRO A 111 14.10 47.04 0.72
CA PRO A 111 15.47 47.54 0.65
C PRO A 111 15.75 48.68 1.64
N LYS A 112 14.70 49.41 2.03
CA LYS A 112 14.86 50.51 2.98
C LYS A 112 14.60 49.95 4.37
N SER A 113 15.68 49.79 5.13
CA SER A 113 15.62 49.24 6.47
C SER A 113 14.44 49.72 7.33
N GLU A 114 14.25 51.02 7.41
CA GLU A 114 13.18 51.60 8.22
C GLU A 114 11.79 51.08 7.88
N TYR A 115 11.54 50.79 6.61
CA TYR A 115 10.23 50.30 6.20
C TYR A 115 9.89 48.88 6.67
N ASN A 116 10.81 48.24 7.38
CA ASN A 116 10.58 46.88 7.86
C ASN A 116 10.01 46.87 9.28
N ASP A 117 9.44 47.98 9.68
CA ASP A 117 8.82 48.09 10.99
C ASP A 117 7.57 47.22 10.87
N GLN A 118 7.29 46.40 11.88
CA GLN A 118 6.13 45.52 11.80
C GLN A 118 4.83 46.22 11.43
N LEU A 119 4.46 47.26 12.15
CA LEU A 119 3.23 48.00 11.87
C LEU A 119 3.25 48.53 10.44
N THR A 120 4.35 49.17 10.07
CA THR A 120 4.50 49.74 8.73
C THR A 120 4.42 48.68 7.65
N ARG A 121 5.19 47.60 7.80
CA ARG A 121 5.17 46.58 6.76
C ARG A 121 3.85 45.81 6.70
N ALA A 122 3.27 45.51 7.86
CA ALA A 122 2.00 44.80 7.87
C ALA A 122 0.97 45.66 7.14
N THR A 123 1.03 46.98 7.35
CA THR A 123 0.09 47.89 6.68
C THR A 123 0.33 47.93 5.17
N ASN A 124 1.58 48.12 4.78
CA ASN A 124 1.92 48.20 3.35
C ASN A 124 1.68 46.90 2.59
N LEU A 125 2.01 45.78 3.23
CA LEU A 125 1.81 44.46 2.61
C LEU A 125 0.30 44.20 2.46
N THR A 126 -0.46 44.57 3.50
CA THR A 126 -1.91 44.39 3.47
C THR A 126 -2.56 45.26 2.40
N VAL A 127 -2.17 46.53 2.33
CA VAL A 127 -2.75 47.42 1.34
C VAL A 127 -2.42 46.94 -0.09
N SER A 128 -1.17 46.55 -0.32
CA SER A 128 -0.79 46.07 -1.64
C SER A 128 -1.58 44.81 -2.01
N ALA A 129 -1.82 43.96 -1.03
CA ALA A 129 -2.58 42.72 -1.25
C ALA A 129 -4.01 43.03 -1.70
N VAL A 130 -4.63 44.02 -1.08
CA VAL A 130 -6.00 44.39 -1.43
C VAL A 130 -5.98 45.08 -2.80
N ARG A 131 -4.93 45.84 -3.08
CA ARG A 131 -4.79 46.48 -4.37
C ARG A 131 -4.68 45.38 -5.43
N PHE A 132 -4.03 44.27 -5.08
CA PHE A 132 -3.92 43.17 -6.03
C PHE A 132 -5.31 42.62 -6.29
N LEU A 133 -6.06 42.42 -5.20
CA LEU A 133 -7.42 41.92 -5.28
C LEU A 133 -8.27 42.80 -6.21
N LYS A 134 -8.22 44.11 -5.99
CA LYS A 134 -8.97 45.05 -6.84
C LYS A 134 -8.54 44.97 -8.30
N THR A 135 -7.23 44.94 -8.52
CA THR A 135 -6.68 44.87 -9.87
C THR A 135 -7.10 43.60 -10.61
N LEU A 136 -7.01 42.47 -9.91
CA LEU A 136 -7.39 41.18 -10.47
C LEU A 136 -8.88 41.15 -10.84
N GLN A 137 -9.72 41.53 -9.89
CA GLN A 137 -11.16 41.51 -10.12
C GLN A 137 -11.61 42.50 -11.19
N ALA A 138 -10.84 43.57 -11.38
CA ALA A 138 -11.18 44.58 -12.38
C ALA A 138 -10.67 44.17 -13.77
N GLY A 139 -9.89 43.10 -13.83
CA GLY A 139 -9.35 42.65 -15.11
C GLY A 139 -8.23 43.54 -15.61
N LEU A 140 -7.60 44.26 -14.68
CA LEU A 140 -6.49 45.15 -15.02
C LEU A 140 -5.12 44.56 -14.72
N LEU A 141 -5.10 43.32 -14.23
CA LEU A 141 -3.84 42.64 -13.95
C LEU A 141 -3.36 42.13 -15.29
N GLU A 142 -2.11 42.38 -15.63
CA GLU A 142 -1.59 41.91 -16.91
C GLU A 142 -1.74 40.40 -17.02
N PRO A 143 -2.19 39.92 -18.19
CA PRO A 143 -2.35 38.48 -18.39
C PRO A 143 -1.05 37.76 -18.08
N GLU A 144 -1.14 36.57 -17.50
CA GLU A 144 0.06 35.80 -17.17
C GLU A 144 0.58 35.22 -18.49
N VAL A 145 1.81 35.56 -18.84
CA VAL A 145 2.41 35.09 -20.08
C VAL A 145 3.90 34.77 -19.94
N PHE A 146 4.32 33.67 -20.54
CA PHE A 146 5.72 33.28 -20.50
C PHE A 146 6.34 33.74 -21.82
N HIS A 147 7.30 34.65 -21.75
CA HIS A 147 7.96 35.17 -22.94
C HIS A 147 9.34 34.56 -23.18
N LEU A 148 9.59 34.12 -24.40
CA LEU A 148 10.91 33.57 -24.73
C LEU A 148 11.83 34.74 -25.02
N ASN A 149 11.25 35.81 -25.55
CA ASN A 149 12.00 37.03 -25.86
C ASN A 149 11.15 38.23 -25.45
N PRO A 150 11.19 38.57 -24.16
CA PRO A 150 10.44 39.68 -23.57
C PRO A 150 10.56 40.99 -24.34
N SER A 151 11.78 41.31 -24.76
CA SER A 151 12.05 42.55 -25.49
C SER A 151 11.26 42.70 -26.79
N LYS A 152 10.60 41.64 -27.23
CA LYS A 152 9.81 41.70 -28.46
C LYS A 152 8.33 41.38 -28.26
N SER A 153 8.04 40.51 -27.30
CA SER A 153 6.67 40.12 -27.03
C SER A 153 5.99 40.89 -25.91
N ASP A 154 6.73 41.19 -24.85
CA ASP A 154 6.18 41.92 -23.72
C ASP A 154 6.41 43.43 -23.88
N THR A 155 5.79 44.01 -24.90
CA THR A 155 5.92 45.44 -25.17
C THR A 155 4.54 46.04 -25.42
N ASP A 156 4.43 47.35 -25.25
CA ASP A 156 3.16 48.02 -25.47
C ASP A 156 2.73 47.86 -26.92
N ALA A 157 3.71 47.86 -27.83
CA ALA A 157 3.43 47.71 -29.26
C ALA A 157 2.59 46.46 -29.51
N PHE A 158 3.01 45.34 -28.93
CA PHE A 158 2.27 44.09 -29.10
C PHE A 158 0.95 44.19 -28.34
N LYS A 159 1.01 44.73 -27.13
CA LYS A 159 -0.19 44.87 -26.31
C LYS A 159 -1.28 45.65 -27.04
N ARG A 160 -0.89 46.74 -27.72
CA ARG A 160 -1.85 47.56 -28.46
C ARG A 160 -2.53 46.81 -29.60
N LEU A 161 -1.87 45.77 -30.10
CA LEU A 161 -2.40 44.99 -31.20
C LEU A 161 -3.27 43.82 -30.74
N ILE A 162 -2.70 42.96 -29.90
CA ILE A 162 -3.40 41.79 -29.39
C ILE A 162 -4.71 42.18 -28.72
N ARG A 163 -4.71 43.38 -28.16
CA ARG A 163 -5.88 43.93 -27.49
C ARG A 163 -7.13 43.94 -28.37
N PHE A 164 -6.93 44.05 -29.69
CA PHE A 164 -8.06 44.07 -30.60
C PHE A 164 -8.43 42.70 -31.14
N VAL A 165 -7.58 41.71 -30.89
CA VAL A 165 -7.85 40.35 -31.35
C VAL A 165 -8.83 39.69 -30.39
N PRO A 166 -9.90 39.07 -30.92
CA PRO A 166 -10.90 38.42 -30.08
C PRO A 166 -10.33 37.27 -29.23
N PRO A 167 -10.86 37.07 -28.02
CA PRO A 167 -10.39 36.00 -27.13
C PRO A 167 -10.29 34.63 -27.81
N SER A 168 -11.14 34.39 -28.80
CA SER A 168 -11.13 33.11 -29.49
C SER A 168 -9.89 32.90 -30.37
N LEU A 169 -9.17 33.98 -30.65
CA LEU A 169 -7.98 33.87 -31.48
C LEU A 169 -6.74 34.52 -30.87
N SER A 170 -6.90 35.12 -29.70
CA SER A 170 -5.78 35.80 -29.05
C SER A 170 -4.53 34.94 -28.81
N TRP A 171 -4.73 33.69 -28.40
CA TRP A 171 -3.58 32.83 -28.14
C TRP A 171 -2.63 32.79 -29.33
N TYR A 172 -3.18 32.58 -30.52
CA TYR A 172 -2.36 32.50 -31.72
C TYR A 172 -1.52 33.76 -31.92
N GLY A 173 -2.10 34.91 -31.62
CA GLY A 173 -1.36 36.15 -31.74
C GLY A 173 -0.08 36.13 -30.93
N ALA A 174 -0.19 35.71 -29.68
CA ALA A 174 0.98 35.64 -28.80
C ALA A 174 1.92 34.54 -29.28
N TYR A 175 1.33 33.44 -29.75
CA TYR A 175 2.12 32.32 -30.23
C TYR A 175 3.09 32.75 -31.34
N LEU A 176 2.61 33.62 -32.23
CA LEU A 176 3.43 34.13 -33.33
C LEU A 176 4.65 34.92 -32.88
N VAL A 177 4.59 35.49 -31.69
CA VAL A 177 5.70 36.28 -31.18
C VAL A 177 6.48 35.50 -30.12
N ASN A 178 6.31 34.18 -30.13
CA ASN A 178 6.99 33.30 -29.18
C ASN A 178 6.62 33.62 -27.73
N ALA A 179 5.34 33.87 -27.50
CA ALA A 179 4.82 34.18 -26.18
C ALA A 179 3.77 33.13 -25.85
N TYR A 180 3.81 32.61 -24.63
CA TYR A 180 2.87 31.58 -24.23
C TYR A 180 1.99 31.96 -23.05
N PRO A 181 0.74 32.36 -23.33
CA PRO A 181 -0.19 32.75 -22.26
C PRO A 181 -0.42 31.55 -21.34
N LEU A 182 -0.65 31.80 -20.05
CA LEU A 182 -0.89 30.71 -19.11
C LEU A 182 -2.33 30.71 -18.60
N ASP A 183 -2.72 29.57 -18.04
CA ASP A 183 -4.05 29.43 -17.48
C ASP A 183 -4.17 30.32 -16.24
N MET A 184 -5.34 30.90 -16.02
CA MET A 184 -5.53 31.76 -14.86
C MET A 184 -6.84 31.47 -14.14
N SER A 185 -7.40 30.30 -14.42
CA SER A 185 -8.67 29.90 -13.82
C SER A 185 -8.63 29.66 -12.32
N GLN A 186 -7.44 29.61 -11.74
CA GLN A 186 -7.32 29.38 -10.29
C GLN A 186 -7.14 30.65 -9.48
N TYR A 187 -6.70 31.71 -10.15
CA TYR A 187 -6.42 32.98 -9.49
C TYR A 187 -7.51 33.58 -8.60
N PHE A 188 -8.78 33.36 -8.93
CA PHE A 188 -9.84 33.93 -8.11
C PHE A 188 -9.85 33.38 -6.68
N ARG A 189 -9.31 32.17 -6.51
CA ARG A 189 -9.29 31.56 -5.18
C ARG A 189 -8.24 32.13 -4.23
N LEU A 190 -7.47 33.12 -4.68
CA LEU A 190 -6.49 33.74 -3.81
C LEU A 190 -7.21 34.47 -2.68
N PHE A 191 -8.37 35.02 -2.97
CA PHE A 191 -9.10 35.81 -2.00
C PHE A 191 -10.48 35.33 -1.58
N ASN A 192 -10.87 35.71 -0.36
CA ASN A 192 -12.16 35.37 0.22
C ASN A 192 -12.41 33.87 0.11
N SER A 193 -11.33 33.09 0.14
CA SER A 193 -11.45 31.66 -0.02
C SER A 193 -10.83 30.84 1.08
N THR A 194 -11.38 29.64 1.28
CA THR A 194 -10.87 28.74 2.30
C THR A 194 -11.26 27.30 2.00
N ARG A 195 -10.62 26.38 2.70
CA ARG A 195 -10.89 24.97 2.54
C ARG A 195 -11.72 24.55 3.74
N ILE A 196 -12.90 23.98 3.49
CA ILE A 196 -13.77 23.56 4.59
C ILE A 196 -13.72 22.05 4.79
N PRO A 197 -13.41 21.60 6.02
CA PRO A 197 -13.35 20.18 6.27
C PRO A 197 -14.74 19.55 6.20
N ARG A 198 -14.87 18.45 5.47
CA ARG A 198 -16.13 17.74 5.32
C ARG A 198 -15.81 16.25 5.43
N PRO A 199 -16.79 15.44 5.88
CA PRO A 199 -16.67 14.00 6.05
C PRO A 199 -15.79 13.17 5.12
N ASN A 200 -16.04 13.14 3.82
CA ASN A 200 -15.19 12.31 2.97
C ASN A 200 -14.24 13.07 2.07
N ARG A 201 -14.71 14.21 1.58
CA ARG A 201 -13.92 15.06 0.71
C ARG A 201 -14.19 16.49 1.14
N ASP A 202 -13.13 17.31 1.22
CA ASP A 202 -13.28 18.69 1.63
C ASP A 202 -13.83 19.54 0.49
N GLU A 203 -14.25 20.76 0.81
CA GLU A 203 -14.77 21.65 -0.21
C GLU A 203 -14.02 22.97 -0.21
N LEU A 204 -13.91 23.58 -1.38
CA LEU A 204 -13.25 24.86 -1.50
C LEU A 204 -14.38 25.88 -1.51
N PHE A 205 -14.33 26.83 -0.58
CA PHE A 205 -15.35 27.86 -0.44
C PHE A 205 -14.82 29.24 -0.77
N THR A 206 -15.66 30.06 -1.42
CA THR A 206 -15.27 31.41 -1.78
C THR A 206 -16.49 32.33 -1.64
N ASP A 207 -16.29 33.51 -1.06
CA ASP A 207 -17.36 34.48 -0.91
C ASP A 207 -16.86 35.83 -1.39
N THR A 208 -16.97 36.05 -2.70
CA THR A 208 -16.49 37.27 -3.32
C THR A 208 -17.11 38.57 -2.82
N LYS A 209 -18.18 38.48 -2.04
CA LYS A 209 -18.84 39.68 -1.52
C LYS A 209 -18.25 40.19 -0.22
N ALA A 210 -17.52 39.34 0.50
CA ALA A 210 -16.92 39.76 1.78
C ALA A 210 -15.85 40.82 1.56
N ARG A 211 -15.75 41.78 2.47
CA ARG A 211 -14.77 42.86 2.32
C ARG A 211 -13.88 43.04 3.54
N HIS A 212 -13.91 42.09 4.45
CA HIS A 212 -13.13 42.22 5.66
C HIS A 212 -11.86 41.38 5.70
N LEU A 213 -10.93 41.81 6.54
CA LEU A 213 -9.67 41.12 6.74
C LEU A 213 -9.75 40.36 8.06
N LEU A 214 -9.09 39.20 8.13
CA LEU A 214 -9.03 38.42 9.36
C LEU A 214 -7.59 38.57 9.81
N VAL A 215 -7.41 38.94 11.07
CA VAL A 215 -6.07 39.10 11.62
C VAL A 215 -5.92 38.21 12.83
N LEU A 216 -4.80 37.50 12.90
CA LEU A 216 -4.50 36.62 14.02
C LEU A 216 -3.30 37.15 14.79
N ARG A 217 -3.46 37.29 16.11
CA ARG A 217 -2.37 37.73 16.99
C ARG A 217 -2.53 37.02 18.32
N LYS A 218 -1.47 36.37 18.76
CA LYS A 218 -1.46 35.62 20.01
C LYS A 218 -2.66 34.67 20.10
N GLY A 219 -3.07 34.13 18.95
CA GLY A 219 -4.17 33.19 18.92
C GLY A 219 -5.57 33.79 18.91
N HIS A 220 -5.67 35.11 19.01
CA HIS A 220 -6.98 35.78 19.01
C HIS A 220 -7.35 36.14 17.57
N PHE A 221 -8.66 36.14 17.30
CA PHE A 221 -9.18 36.45 15.97
C PHE A 221 -9.79 37.83 15.90
N TYR A 222 -9.39 38.62 14.91
CA TYR A 222 -9.94 39.97 14.73
C TYR A 222 -10.34 40.20 13.28
N VAL A 223 -11.37 41.00 13.07
CA VAL A 223 -11.81 41.32 11.73
C VAL A 223 -12.18 42.80 11.61
N PHE A 224 -11.90 43.37 10.45
CA PHE A 224 -12.23 44.76 10.16
C PHE A 224 -12.18 44.94 8.66
N ASP A 225 -12.99 45.85 8.15
CA ASP A 225 -13.05 46.10 6.72
C ASP A 225 -11.78 46.72 6.12
N VAL A 226 -11.42 46.26 4.92
CA VAL A 226 -10.28 46.79 4.20
C VAL A 226 -10.83 47.35 2.90
N LEU A 227 -12.09 47.04 2.62
CA LEU A 227 -12.81 47.53 1.44
C LEU A 227 -14.15 48.03 1.96
N ASP A 228 -14.52 49.27 1.62
CA ASP A 228 -15.82 49.77 2.10
C ASP A 228 -16.93 49.33 1.14
N GLN A 229 -18.18 49.62 1.49
CA GLN A 229 -19.30 49.22 0.64
C GLN A 229 -19.37 49.93 -0.71
N ASP A 230 -18.53 50.94 -0.88
CA ASP A 230 -18.47 51.66 -2.15
C ASP A 230 -17.47 50.96 -3.07
N GLY A 231 -16.71 50.03 -2.51
CA GLY A 231 -15.74 49.29 -3.29
C GLY A 231 -14.32 49.83 -3.24
N ASN A 232 -14.11 50.92 -2.52
CA ASN A 232 -12.78 51.50 -2.42
C ASN A 232 -12.02 50.89 -1.26
N ILE A 233 -10.70 50.93 -1.33
CA ILE A 233 -9.88 50.39 -0.26
C ILE A 233 -9.92 51.36 0.92
N VAL A 234 -10.12 50.83 2.12
CA VAL A 234 -10.16 51.67 3.31
C VAL A 234 -8.84 52.44 3.45
N ASN A 235 -8.95 53.69 3.90
CA ASN A 235 -7.79 54.57 4.09
C ASN A 235 -6.62 53.85 4.76
N PRO A 236 -5.46 53.80 4.08
CA PRO A 236 -4.27 53.15 4.63
C PRO A 236 -3.96 53.59 6.06
N LEU A 237 -4.22 54.85 6.37
CA LEU A 237 -3.97 55.38 7.70
C LEU A 237 -4.98 54.84 8.71
N GLU A 238 -6.16 54.46 8.24
CA GLU A 238 -7.17 53.89 9.11
C GLU A 238 -6.77 52.41 9.33
N ILE A 239 -6.34 51.75 8.26
CA ILE A 239 -5.92 50.37 8.36
C ILE A 239 -4.74 50.30 9.34
N GLN A 240 -3.83 51.25 9.22
CA GLN A 240 -2.68 51.34 10.10
C GLN A 240 -3.17 51.46 11.55
N ALA A 241 -4.20 52.27 11.74
CA ALA A 241 -4.77 52.48 13.07
C ALA A 241 -5.33 51.19 13.65
N HIS A 242 -6.08 50.46 12.85
CA HIS A 242 -6.67 49.20 13.33
C HIS A 242 -5.59 48.17 13.65
N LEU A 243 -4.53 48.12 12.85
CA LEU A 243 -3.45 47.16 13.10
C LEU A 243 -2.68 47.58 14.34
N LYS A 244 -2.54 48.89 14.55
CA LYS A 244 -1.85 49.39 15.74
C LYS A 244 -2.70 48.98 16.94
N TYR A 245 -4.01 49.06 16.80
CA TYR A 245 -4.94 48.68 17.86
C TYR A 245 -4.76 47.21 18.22
N ILE A 246 -4.70 46.35 17.20
CA ILE A 246 -4.53 44.92 17.41
C ILE A 246 -3.18 44.65 18.08
N LEU A 247 -2.14 45.32 17.60
CA LEU A 247 -0.80 45.16 18.14
C LEU A 247 -0.68 45.63 19.58
N SER A 248 -1.63 46.44 20.03
CA SER A 248 -1.60 46.95 21.40
C SER A 248 -2.33 46.05 22.39
N ASP A 249 -3.13 45.11 21.88
CA ASP A 249 -3.87 44.21 22.75
C ASP A 249 -2.90 43.51 23.69
N SER A 250 -3.23 43.50 24.98
CA SER A 250 -2.37 42.86 25.97
C SER A 250 -2.92 41.53 26.45
N SER A 251 -4.06 41.11 25.92
CA SER A 251 -4.66 39.84 26.33
C SER A 251 -3.69 38.68 26.08
N PRO A 252 -3.56 37.77 27.05
CA PRO A 252 -2.65 36.62 26.90
C PRO A 252 -3.24 35.58 25.94
N VAL A 253 -2.39 34.68 25.46
CA VAL A 253 -2.83 33.63 24.55
C VAL A 253 -3.97 32.85 25.18
N PRO A 254 -4.98 32.48 24.39
CA PRO A 254 -6.09 31.72 24.97
C PRO A 254 -5.63 30.34 25.42
N GLU A 255 -6.21 29.84 26.50
CA GLU A 255 -5.84 28.52 27.01
C GLU A 255 -6.11 27.48 25.94
N PHE A 256 -7.09 27.75 25.09
CA PHE A 256 -7.43 26.82 24.02
C PHE A 256 -7.52 27.53 22.67
N PRO A 257 -6.36 27.75 22.03
CA PRO A 257 -6.33 28.43 20.72
C PRO A 257 -7.08 27.59 19.68
N VAL A 258 -8.11 28.16 19.10
CA VAL A 258 -8.92 27.46 18.11
C VAL A 258 -8.17 27.14 16.82
N ALA A 259 -7.19 27.97 16.46
CA ALA A 259 -6.42 27.76 15.24
C ALA A 259 -5.79 26.36 15.16
N TYR A 260 -5.52 25.75 16.32
CA TYR A 260 -4.94 24.41 16.33
C TYR A 260 -5.77 23.42 15.51
N LEU A 261 -7.08 23.60 15.53
CA LEU A 261 -7.97 22.67 14.82
C LEU A 261 -7.72 22.53 13.33
N THR A 262 -7.27 23.60 12.67
CA THR A 262 -7.01 23.53 11.24
C THR A 262 -5.80 22.65 10.91
N SER A 263 -5.12 22.16 11.94
CA SER A 263 -3.95 21.32 11.71
C SER A 263 -4.28 19.84 11.89
N GLU A 264 -5.52 19.54 12.27
CA GLU A 264 -5.96 18.17 12.49
C GLU A 264 -6.23 17.33 11.25
N ASN A 265 -6.42 16.03 11.49
CA ASN A 265 -6.76 15.06 10.44
C ASN A 265 -8.08 15.66 9.92
N ARG A 266 -8.32 15.59 8.61
CA ARG A 266 -9.51 16.21 8.04
C ARG A 266 -10.86 15.69 8.53
N ASP A 267 -10.95 14.40 8.82
CA ASP A 267 -12.19 13.83 9.33
C ASP A 267 -12.43 14.31 10.77
N VAL A 268 -11.36 14.40 11.54
CA VAL A 268 -11.47 14.87 12.92
C VAL A 268 -11.90 16.34 12.97
N TRP A 269 -11.28 17.15 12.11
CA TRP A 269 -11.58 18.58 12.05
C TRP A 269 -13.01 18.77 11.50
N ALA A 270 -13.37 17.97 10.50
CA ALA A 270 -14.71 18.08 9.93
C ALA A 270 -15.80 17.87 11.00
N GLU A 271 -15.59 16.90 11.89
CA GLU A 271 -16.54 16.64 12.96
C GLU A 271 -16.52 17.74 14.02
N LEU A 272 -15.32 18.16 14.40
CA LEU A 272 -15.20 19.20 15.40
C LEU A 272 -15.82 20.51 14.91
N ARG A 273 -15.76 20.75 13.60
CA ARG A 273 -16.35 21.97 13.04
C ARG A 273 -17.87 21.89 13.16
N GLN A 274 -18.42 20.70 12.91
CA GLN A 274 -19.86 20.47 13.02
C GLN A 274 -20.34 20.78 14.43
N LYS A 275 -19.58 20.33 15.44
CA LYS A 275 -19.94 20.58 16.83
C LYS A 275 -19.87 22.07 17.12
N LEU A 276 -18.85 22.71 16.55
CA LEU A 276 -18.63 24.14 16.72
C LEU A 276 -19.86 24.88 16.18
N ILE A 277 -20.42 24.38 15.08
CA ILE A 277 -21.60 24.99 14.48
C ILE A 277 -22.82 24.68 15.35
N PHE A 278 -22.91 23.44 15.80
CA PHE A 278 -24.03 23.03 16.64
C PHE A 278 -24.03 23.85 17.93
N ASP A 279 -22.85 24.25 18.39
CA ASP A 279 -22.73 25.05 19.60
C ASP A 279 -22.89 26.55 19.39
N GLY A 280 -23.39 26.93 18.22
CA GLY A 280 -23.65 28.33 17.90
C GLY A 280 -22.55 29.22 17.34
N ASN A 281 -21.51 28.63 16.76
CA ASN A 281 -20.40 29.41 16.21
C ASN A 281 -20.42 29.59 14.70
N GLU A 282 -21.55 29.29 14.07
CA GLU A 282 -21.64 29.42 12.62
C GLU A 282 -21.34 30.81 12.08
N GLU A 283 -21.90 31.84 12.71
CA GLU A 283 -21.66 33.21 12.28
C GLU A 283 -20.17 33.55 12.34
N THR A 284 -19.52 33.14 13.43
CA THR A 284 -18.10 33.40 13.61
C THR A 284 -17.26 32.67 12.57
N LEU A 285 -17.59 31.41 12.31
CA LEU A 285 -16.87 30.62 11.31
C LEU A 285 -17.04 31.21 9.91
N LYS A 286 -18.21 31.76 9.64
CA LYS A 286 -18.45 32.35 8.33
C LYS A 286 -17.57 33.58 8.12
N LYS A 287 -17.32 34.32 9.20
CA LYS A 287 -16.48 35.51 9.11
C LYS A 287 -15.05 35.06 8.80
N VAL A 288 -14.60 34.03 9.50
CA VAL A 288 -13.25 33.51 9.26
C VAL A 288 -13.11 33.01 7.83
N ASP A 289 -14.04 32.15 7.42
CA ASP A 289 -14.00 31.56 6.09
C ASP A 289 -13.99 32.56 4.93
N SER A 290 -14.73 33.65 5.07
CA SER A 290 -14.85 34.62 3.98
C SER A 290 -13.92 35.82 3.93
N ALA A 291 -13.06 35.98 4.92
CA ALA A 291 -12.14 37.13 4.93
C ALA A 291 -11.32 37.14 3.64
N VAL A 292 -10.89 38.32 3.19
CA VAL A 292 -10.10 38.38 1.95
C VAL A 292 -8.91 37.44 2.03
N PHE A 293 -8.31 37.36 3.21
CA PHE A 293 -7.20 36.46 3.50
C PHE A 293 -6.89 36.58 4.98
N CYS A 294 -5.89 35.86 5.46
CA CYS A 294 -5.56 35.93 6.88
C CYS A 294 -4.18 36.55 7.09
N LEU A 295 -4.14 37.60 7.89
CA LEU A 295 -2.91 38.31 8.23
C LEU A 295 -2.52 37.88 9.64
N CYS A 296 -1.32 37.30 9.78
CA CYS A 296 -0.84 36.82 11.07
C CYS A 296 0.29 37.69 11.58
N LEU A 297 0.11 38.23 12.78
CA LEU A 297 1.10 39.09 13.39
C LEU A 297 1.79 38.33 14.52
N ASP A 298 3.03 37.88 14.29
CA ASP A 298 3.77 37.16 15.32
C ASP A 298 4.46 38.18 16.20
N ASP A 299 4.46 37.94 17.51
CA ASP A 299 5.06 38.88 18.46
C ASP A 299 6.51 38.57 18.82
N PHE A 300 7.27 38.08 17.85
CA PHE A 300 8.67 37.77 18.07
C PHE A 300 9.46 37.92 16.78
N PRO A 301 10.78 38.13 16.89
CA PRO A 301 11.67 38.30 15.75
C PRO A 301 12.23 36.95 15.28
N MET A 302 12.79 36.92 14.07
CA MET A 302 13.35 35.70 13.54
C MET A 302 14.79 35.56 14.06
N LYS A 303 15.07 34.44 14.72
CA LYS A 303 16.40 34.21 15.28
C LYS A 303 17.44 33.83 14.22
N ASP A 304 17.06 32.94 13.30
CA ASP A 304 17.94 32.51 12.22
C ASP A 304 17.05 32.09 11.04
N LEU A 305 17.67 31.71 9.93
CA LEU A 305 16.92 31.28 8.76
C LEU A 305 16.17 29.99 9.07
N ILE A 306 16.72 29.20 9.99
CA ILE A 306 16.10 27.95 10.38
C ILE A 306 14.81 28.26 11.15
N HIS A 307 14.91 29.23 12.05
CA HIS A 307 13.77 29.64 12.86
C HIS A 307 12.71 30.26 11.95
N LEU A 308 13.16 30.99 10.93
CA LEU A 308 12.26 31.63 9.98
C LEU A 308 11.48 30.57 9.23
N SER A 309 12.19 29.56 8.72
CA SER A 309 11.56 28.48 7.99
C SER A 309 10.50 27.77 8.83
N HIS A 310 10.85 27.43 10.07
CA HIS A 310 9.89 26.77 10.93
C HIS A 310 8.66 27.63 11.20
N THR A 311 8.89 28.91 11.45
CA THR A 311 7.83 29.88 11.72
C THR A 311 6.86 30.00 10.55
N MET A 312 7.39 30.11 9.34
CA MET A 312 6.55 30.26 8.15
C MET A 312 5.98 28.95 7.62
N LEU A 313 6.68 27.83 7.87
CA LEU A 313 6.19 26.55 7.39
C LEU A 313 5.05 26.02 8.27
N HIS A 314 5.17 26.21 9.59
CA HIS A 314 4.14 25.72 10.52
C HIS A 314 3.85 26.59 11.75
N GLY A 315 4.84 27.30 12.27
CA GLY A 315 4.61 28.14 13.44
C GLY A 315 4.38 27.29 14.67
N ASP A 316 3.89 27.88 15.75
CA ASP A 316 3.67 27.12 16.97
C ASP A 316 2.27 26.54 17.07
N GLY A 317 1.49 26.67 16.01
CA GLY A 317 0.13 26.12 16.00
C GLY A 317 -1.02 27.00 16.47
N THR A 318 -0.72 28.13 17.10
CA THR A 318 -1.77 29.00 17.62
C THR A 318 -2.14 30.20 16.75
N ASN A 319 -1.22 30.61 15.87
CA ASN A 319 -1.44 31.83 15.09
C ASN A 319 -1.50 31.72 13.56
N ARG A 320 -2.09 30.65 13.04
CA ARG A 320 -2.23 30.47 11.59
C ARG A 320 -3.53 29.75 11.32
N TRP A 321 -4.32 30.25 10.37
CA TRP A 321 -5.56 29.55 10.03
C TRP A 321 -5.18 28.81 8.77
N PHE A 322 -4.63 27.61 8.96
CA PHE A 322 -4.14 26.78 7.86
C PHE A 322 -5.05 26.55 6.68
N ASP A 323 -6.35 26.53 6.93
CA ASP A 323 -7.32 26.29 5.86
C ASP A 323 -7.48 27.44 4.85
N LYS A 324 -7.16 28.67 5.28
CA LYS A 324 -7.31 29.82 4.39
C LYS A 324 -6.50 29.69 3.10
N SER A 325 -6.98 30.30 2.02
CA SER A 325 -6.26 30.24 0.73
C SER A 325 -4.80 30.58 1.01
N PHE A 326 -4.57 31.56 1.88
CA PHE A 326 -3.21 31.89 2.26
C PHE A 326 -3.16 32.74 3.53
N ASN A 327 -2.02 32.65 4.22
CA ASN A 327 -1.77 33.41 5.43
C ASN A 327 -0.57 34.32 5.15
N LEU A 328 -0.77 35.62 5.32
CA LEU A 328 0.31 36.58 5.13
C LEU A 328 0.86 36.77 6.54
N ILE A 329 2.11 36.43 6.74
CA ILE A 329 2.72 36.51 8.05
C ILE A 329 3.75 37.64 8.15
N VAL A 330 3.69 38.39 9.24
CA VAL A 330 4.63 39.49 9.46
C VAL A 330 5.09 39.40 10.91
N ALA A 331 6.37 39.12 11.09
CA ALA A 331 6.96 38.99 12.42
C ALA A 331 7.31 40.33 13.03
N GLU A 332 7.74 40.31 14.29
CA GLU A 332 8.10 41.52 15.02
C GLU A 332 9.19 42.36 14.35
N ASP A 333 10.10 41.70 13.65
CA ASP A 333 11.19 42.39 12.97
C ASP A 333 10.87 42.75 11.52
N GLY A 334 9.60 42.61 11.16
CA GLY A 334 9.20 42.94 9.80
C GLY A 334 9.32 41.81 8.80
N THR A 335 9.94 40.71 9.21
CA THR A 335 10.10 39.57 8.31
C THR A 335 8.71 39.15 7.88
N ALA A 336 8.51 38.99 6.58
CA ALA A 336 7.20 38.62 6.05
C ALA A 336 7.27 37.42 5.13
N ALA A 337 6.15 36.70 5.05
CA ALA A 337 6.07 35.52 4.21
C ALA A 337 4.62 35.16 3.91
N VAL A 338 4.43 34.22 2.99
CA VAL A 338 3.10 33.76 2.65
C VAL A 338 3.07 32.25 2.80
N HIS A 339 2.18 31.78 3.67
CA HIS A 339 1.99 30.36 3.91
C HIS A 339 0.66 30.10 3.20
N PHE A 340 0.60 29.11 2.32
CA PHE A 340 -0.67 28.88 1.62
C PHE A 340 -1.17 27.44 1.55
N GLU A 341 -2.50 27.32 1.46
CA GLU A 341 -3.15 26.02 1.40
C GLU A 341 -2.91 25.47 0.00
N HIS A 342 -2.39 24.25 -0.05
CA HIS A 342 -2.03 23.58 -1.28
C HIS A 342 -3.10 23.26 -2.35
N SER A 343 -4.24 22.64 -1.78
CA SER A 343 -5.31 22.10 -2.61
C SER A 343 -6.03 22.96 -3.64
N TRP A 344 -6.15 24.26 -3.39
CA TRP A 344 -6.90 25.10 -4.33
C TRP A 344 -6.20 25.41 -5.65
N GLY A 345 -4.88 25.27 -5.69
CA GLY A 345 -4.18 25.57 -6.93
C GLY A 345 -2.75 25.07 -7.01
N ASP A 346 -2.07 25.45 -8.08
CA ASP A 346 -0.70 25.01 -8.30
C ASP A 346 0.34 26.03 -7.85
N GLY A 347 -0.13 27.09 -7.19
CA GLY A 347 0.79 28.10 -6.68
C GLY A 347 1.31 29.16 -7.64
N VAL A 348 0.97 29.08 -8.92
CA VAL A 348 1.45 30.10 -9.86
C VAL A 348 0.76 31.42 -9.47
N ALA A 349 -0.52 31.32 -9.12
CA ALA A 349 -1.29 32.49 -8.70
C ALA A 349 -0.64 33.13 -7.49
N VAL A 350 -0.18 32.31 -6.56
CA VAL A 350 0.47 32.81 -5.35
C VAL A 350 1.79 33.52 -5.68
N LEU A 351 2.56 32.95 -6.60
CA LEU A 351 3.83 33.56 -6.98
C LEU A 351 3.60 34.91 -7.64
N ARG A 352 2.60 35.00 -8.52
CA ARG A 352 2.27 36.25 -9.20
C ARG A 352 1.86 37.25 -8.12
N PHE A 353 0.96 36.82 -7.24
CA PHE A 353 0.48 37.66 -6.14
C PHE A 353 1.70 38.15 -5.35
N PHE A 354 2.56 37.20 -5.00
CA PHE A 354 3.77 37.46 -4.24
C PHE A 354 4.65 38.53 -4.88
N ASN A 355 4.98 38.35 -6.17
CA ASN A 355 5.85 39.30 -6.86
C ASN A 355 5.25 40.70 -7.01
N GLU A 356 3.96 40.78 -7.34
CA GLU A 356 3.30 42.07 -7.50
C GLU A 356 3.26 42.83 -6.17
N VAL A 357 2.90 42.11 -5.10
CA VAL A 357 2.81 42.72 -3.78
C VAL A 357 4.16 43.22 -3.28
N PHE A 358 5.21 42.44 -3.55
CA PHE A 358 6.54 42.85 -3.12
C PHE A 358 6.92 44.14 -3.86
N ARG A 359 6.70 44.16 -5.17
CA ARG A 359 7.02 45.30 -6.00
C ARG A 359 6.25 46.55 -5.59
N ASP A 360 4.94 46.39 -5.46
CA ASP A 360 4.06 47.50 -5.10
C ASP A 360 4.31 48.04 -3.69
N SER A 361 4.52 47.14 -2.73
CA SER A 361 4.73 47.57 -1.35
C SER A 361 6.10 48.17 -1.06
N THR A 362 7.09 47.87 -1.90
CA THR A 362 8.43 48.40 -1.69
C THR A 362 8.72 49.61 -2.57
N GLN A 363 8.10 49.68 -3.74
CA GLN A 363 8.32 50.80 -4.65
C GLN A 363 7.32 51.94 -4.46
N THR A 364 6.09 51.59 -4.08
CA THR A 364 5.05 52.59 -3.86
C THR A 364 4.27 52.24 -2.60
N PRO A 365 4.94 52.29 -1.44
CA PRO A 365 4.31 51.98 -0.15
C PRO A 365 3.10 52.88 0.11
N ALA A 366 2.10 52.34 0.79
CA ALA A 366 0.91 53.09 1.12
C ALA A 366 1.19 54.07 2.25
N ILE A 367 2.07 53.68 3.17
CA ILE A 367 2.43 54.53 4.29
C ILE A 367 3.91 54.42 4.58
N THR A 368 4.41 55.33 5.43
CA THR A 368 5.82 55.35 5.78
C THR A 368 5.94 55.16 7.29
N PRO A 369 7.17 54.93 7.78
CA PRO A 369 7.40 54.73 9.22
C PRO A 369 7.06 55.97 10.06
N GLN A 370 6.86 57.10 9.39
CA GLN A 370 6.52 58.36 10.07
C GLN A 370 5.04 58.67 9.96
N SER A 371 4.32 57.87 9.19
CA SER A 371 2.89 58.09 8.99
C SER A 371 2.11 58.06 10.31
N GLN A 372 1.16 58.98 10.44
CA GLN A 372 0.36 59.07 11.65
C GLN A 372 -0.97 58.35 11.52
N PRO A 373 -1.21 57.34 12.38
CA PRO A 373 -2.48 56.61 12.33
C PRO A 373 -3.65 57.59 12.33
N ALA A 374 -4.63 57.35 11.46
CA ALA A 374 -5.78 58.23 11.39
C ALA A 374 -6.62 58.11 12.65
N ALA A 375 -7.31 59.19 13.00
CA ALA A 375 -8.18 59.19 14.18
C ALA A 375 -9.37 58.33 13.80
N THR A 376 -9.76 57.41 14.68
CA THR A 376 -10.88 56.54 14.42
C THR A 376 -11.15 55.66 15.63
N ASN A 377 -12.38 55.15 15.74
CA ASN A 377 -12.74 54.29 16.86
C ASN A 377 -12.46 52.85 16.45
N SER A 378 -11.25 52.38 16.71
CA SER A 378 -10.85 51.03 16.36
C SER A 378 -11.62 49.96 17.13
N SER A 379 -11.90 50.21 18.40
CA SER A 379 -12.64 49.24 19.20
C SER A 379 -14.00 48.96 18.58
N ALA A 380 -14.48 49.89 17.76
CA ALA A 380 -15.75 49.72 17.09
C ALA A 380 -15.57 49.13 15.70
N SER A 381 -14.51 49.55 15.00
CA SER A 381 -14.25 49.05 13.65
C SER A 381 -13.65 47.65 13.64
N VAL A 382 -12.92 47.31 14.70
CA VAL A 382 -12.29 46.01 14.82
C VAL A 382 -13.08 45.10 15.75
N GLU A 383 -13.60 44.00 15.21
CA GLU A 383 -14.35 43.06 16.04
C GLU A 383 -13.46 41.92 16.49
N THR A 384 -13.48 41.61 17.79
CA THR A 384 -12.71 40.49 18.30
C THR A 384 -13.68 39.30 18.27
N LEU A 385 -13.37 38.30 17.46
CA LEU A 385 -14.24 37.14 17.36
C LEU A 385 -14.12 36.29 18.61
N SER A 386 -15.22 35.61 18.96
CA SER A 386 -15.24 34.76 20.12
C SER A 386 -15.82 33.41 19.75
N PHE A 387 -15.31 32.35 20.36
CA PHE A 387 -15.78 31.00 20.10
C PHE A 387 -16.36 30.39 21.37
N ASN A 388 -17.59 29.89 21.27
CA ASN A 388 -18.22 29.24 22.41
C ASN A 388 -17.76 27.79 22.38
N LEU A 389 -16.78 27.48 23.22
CA LEU A 389 -16.19 26.14 23.27
C LEU A 389 -16.74 25.25 24.38
N SER A 390 -17.28 24.11 23.98
CA SER A 390 -17.82 23.15 24.92
C SER A 390 -16.65 22.31 25.44
N GLY A 391 -16.94 21.40 26.36
CA GLY A 391 -15.89 20.55 26.90
C GLY A 391 -15.27 19.67 25.82
N ALA A 392 -16.10 19.20 24.90
CA ALA A 392 -15.62 18.35 23.82
C ALA A 392 -14.68 19.13 22.88
N LEU A 393 -14.98 20.41 22.67
CA LEU A 393 -14.15 21.24 21.82
C LEU A 393 -12.79 21.54 22.46
N LYS A 394 -12.78 21.79 23.75
CA LYS A 394 -11.54 22.07 24.45
C LYS A 394 -10.68 20.81 24.42
N ALA A 395 -11.32 19.66 24.61
CA ALA A 395 -10.61 18.39 24.59
C ALA A 395 -10.07 18.21 23.17
N GLY A 396 -10.85 18.65 22.18
CA GLY A 396 -10.44 18.54 20.79
C GLY A 396 -9.22 19.41 20.48
N ILE A 397 -9.23 20.63 21.00
CA ILE A 397 -8.13 21.55 20.77
C ILE A 397 -6.86 20.99 21.43
N THR A 398 -7.03 20.43 22.62
CA THR A 398 -5.91 19.83 23.34
C THR A 398 -5.31 18.69 22.53
N ALA A 399 -6.14 17.82 21.97
CA ALA A 399 -5.64 16.70 21.19
C ALA A 399 -4.96 17.22 19.92
N ALA A 400 -5.55 18.23 19.28
CA ALA A 400 -4.96 18.79 18.07
C ALA A 400 -3.55 19.31 18.39
N LYS A 401 -3.40 19.97 19.53
CA LYS A 401 -2.11 20.50 19.95
C LYS A 401 -1.08 19.40 20.15
N GLU A 402 -1.47 18.33 20.85
CA GLU A 402 -0.53 17.24 21.09
C GLU A 402 -0.09 16.58 19.80
N LYS A 403 -1.01 16.44 18.85
CA LYS A 403 -0.71 15.83 17.57
C LYS A 403 0.21 16.75 16.77
N PHE A 404 -0.07 18.05 16.84
CA PHE A 404 0.73 19.06 16.13
C PHE A 404 2.16 19.07 16.66
N ASP A 405 2.31 19.25 17.98
CA ASP A 405 3.64 19.29 18.60
C ASP A 405 4.43 18.02 18.34
N THR A 406 3.74 16.88 18.37
CA THR A 406 4.39 15.61 18.14
C THR A 406 5.04 15.53 16.76
N THR A 407 4.30 15.93 15.73
CA THR A 407 4.79 15.89 14.36
C THR A 407 5.87 16.96 14.12
N VAL A 408 5.56 18.19 14.50
CA VAL A 408 6.50 19.29 14.29
C VAL A 408 7.86 19.05 14.93
N LYS A 409 7.87 18.38 16.08
CA LYS A 409 9.11 18.11 16.79
C LYS A 409 10.07 17.19 16.02
N THR A 410 9.57 16.52 14.99
CA THR A 410 10.38 15.60 14.20
C THR A 410 10.93 16.25 12.94
N LEU A 411 10.52 17.49 12.69
CA LEU A 411 10.92 18.20 11.50
C LEU A 411 12.19 19.02 11.63
N SER A 412 13.09 18.86 10.67
CA SER A 412 14.34 19.58 10.66
C SER A 412 14.46 20.32 9.32
N ILE A 413 15.00 21.53 9.36
CA ILE A 413 15.16 22.35 8.16
C ILE A 413 16.48 23.11 8.22
N ASP A 414 17.14 23.25 7.07
CA ASP A 414 18.39 24.00 7.01
C ASP A 414 18.63 24.41 5.57
N SER A 415 19.55 25.33 5.35
CA SER A 415 19.85 25.80 4.01
C SER A 415 21.33 26.02 3.79
N ILE A 416 21.70 26.25 2.53
CA ILE A 416 23.07 26.53 2.18
C ILE A 416 23.06 27.55 1.06
N GLN A 417 24.15 28.29 0.96
CA GLN A 417 24.31 29.28 -0.08
C GLN A 417 25.66 29.00 -0.72
N PHE A 418 25.63 28.29 -1.85
CA PHE A 418 26.84 27.94 -2.60
C PHE A 418 27.21 29.20 -3.37
N GLN A 419 28.30 29.84 -2.98
CA GLN A 419 28.69 31.09 -3.62
C GLN A 419 29.83 31.08 -4.63
N ARG A 420 30.24 29.91 -5.10
CA ARG A 420 31.32 29.88 -6.07
C ARG A 420 30.81 30.24 -7.46
N GLY A 421 29.51 30.03 -7.70
CA GLY A 421 28.97 30.37 -9.01
C GLY A 421 27.55 29.88 -9.21
N GLY A 422 26.94 30.27 -10.32
CA GLY A 422 25.58 29.87 -10.61
C GLY A 422 25.29 29.71 -12.09
N LYS A 423 24.18 30.28 -12.54
CA LYS A 423 23.78 30.20 -13.94
C LYS A 423 24.83 30.66 -14.94
N GLU A 424 25.45 31.80 -14.65
CA GLU A 424 26.47 32.37 -15.53
C GLU A 424 27.60 31.40 -15.87
N PHE A 425 28.23 30.86 -14.85
CA PHE A 425 29.32 29.91 -15.06
C PHE A 425 28.86 28.65 -15.76
N LEU A 426 27.75 28.09 -15.29
CA LEU A 426 27.22 26.86 -15.88
C LEU A 426 26.79 27.02 -17.33
N LYS A 427 26.14 28.14 -17.65
CA LYS A 427 25.70 28.37 -19.03
C LYS A 427 26.90 28.50 -19.96
N LYS A 428 28.00 29.05 -19.46
CA LYS A 428 29.20 29.19 -20.27
C LYS A 428 29.74 27.80 -20.54
N LYS A 429 29.57 26.90 -19.58
CA LYS A 429 30.02 25.52 -19.73
C LYS A 429 28.98 24.75 -20.54
N GLN A 430 28.01 25.49 -21.06
CA GLN A 430 26.94 24.94 -21.87
C GLN A 430 26.18 23.79 -21.21
N LEU A 431 25.88 23.98 -19.94
CA LEU A 431 25.12 23.01 -19.15
C LEU A 431 23.86 23.68 -18.63
N SER A 432 22.81 22.88 -18.43
CA SER A 432 21.57 23.39 -17.89
C SER A 432 21.78 23.58 -16.40
N PRO A 433 21.53 24.79 -15.88
CA PRO A 433 21.71 25.05 -14.44
C PRO A 433 20.81 24.16 -13.58
N ASP A 434 19.58 23.94 -14.04
CA ASP A 434 18.65 23.11 -13.29
C ASP A 434 19.14 21.66 -13.27
N ALA A 435 19.66 21.18 -14.40
CA ALA A 435 20.15 19.81 -14.49
C ALA A 435 21.33 19.59 -13.55
N VAL A 436 22.16 20.61 -13.40
CA VAL A 436 23.32 20.51 -12.52
C VAL A 436 22.88 20.45 -11.06
N ALA A 437 21.89 21.26 -10.69
CA ALA A 437 21.42 21.24 -9.31
C ALA A 437 20.85 19.84 -9.00
N GLN A 438 20.06 19.31 -9.92
CA GLN A 438 19.47 17.98 -9.71
C GLN A 438 20.54 16.89 -9.64
N LEU A 439 21.57 17.00 -10.47
CA LEU A 439 22.67 16.03 -10.47
C LEU A 439 23.31 16.05 -9.10
N ALA A 440 23.49 17.25 -8.54
CA ALA A 440 24.09 17.40 -7.22
C ALA A 440 23.29 16.70 -6.13
N PHE A 441 21.95 16.80 -6.21
CA PHE A 441 21.09 16.15 -5.23
C PHE A 441 21.25 14.63 -5.31
N GLN A 442 21.32 14.10 -6.52
CA GLN A 442 21.49 12.65 -6.72
C GLN A 442 22.84 12.22 -6.16
N MET A 443 23.88 12.97 -6.51
CA MET A 443 25.23 12.69 -6.09
C MET A 443 25.35 12.76 -4.56
N ALA A 444 24.74 13.77 -3.96
CA ALA A 444 24.79 13.91 -2.50
C ALA A 444 24.10 12.74 -1.80
N PHE A 445 22.95 12.32 -2.34
CA PHE A 445 22.23 11.20 -1.73
C PHE A 445 23.06 9.92 -1.83
N LEU A 446 23.73 9.73 -2.97
CA LEU A 446 24.54 8.52 -3.14
C LEU A 446 25.68 8.54 -2.13
N ARG A 447 26.32 9.68 -1.97
CA ARG A 447 27.42 9.82 -1.04
C ARG A 447 26.96 9.61 0.41
N GLN A 448 25.80 10.15 0.76
CA GLN A 448 25.28 10.05 2.11
C GLN A 448 24.64 8.71 2.46
N TYR A 449 23.87 8.15 1.53
CA TYR A 449 23.18 6.90 1.81
C TYR A 449 23.52 5.71 0.92
N GLY A 450 24.35 5.93 -0.10
CA GLY A 450 24.74 4.85 -0.98
C GLY A 450 23.67 4.25 -1.87
N GLN A 451 22.66 5.04 -2.24
CA GLN A 451 21.63 4.49 -3.11
C GLN A 451 21.01 5.53 -4.04
N THR A 452 20.31 5.03 -5.06
CA THR A 452 19.62 5.88 -6.02
C THR A 452 18.15 5.71 -5.68
N VAL A 453 17.43 6.82 -5.49
CA VAL A 453 16.03 6.72 -5.12
C VAL A 453 15.06 7.54 -5.97
N ALA A 454 13.77 7.25 -5.80
CA ALA A 454 12.70 7.94 -6.53
C ALA A 454 12.85 9.43 -6.29
N THR A 455 12.92 10.18 -7.39
CA THR A 455 13.10 11.62 -7.33
C THR A 455 12.00 12.33 -8.12
N TYR A 456 11.50 13.40 -7.54
CA TYR A 456 10.41 14.18 -8.12
C TYR A 456 10.82 15.64 -8.28
N GLU A 457 10.55 16.21 -9.45
CA GLU A 457 10.80 17.62 -9.69
C GLU A 457 9.52 18.19 -10.30
N SER A 458 8.97 19.20 -9.66
CA SER A 458 7.74 19.83 -10.12
C SER A 458 7.96 20.63 -11.41
N CYS A 459 6.97 20.58 -12.30
CA CYS A 459 7.01 21.32 -13.56
C CYS A 459 5.59 21.77 -13.86
N SER A 460 5.46 22.89 -14.57
CA SER A 460 4.12 23.43 -14.86
C SER A 460 3.59 23.16 -16.27
N THR A 461 2.32 22.81 -16.36
CA THR A 461 1.70 22.61 -17.66
C THR A 461 0.61 23.67 -17.76
N ALA A 462 0.88 24.83 -17.14
CA ALA A 462 -0.05 25.95 -17.13
C ALA A 462 -0.18 26.62 -18.50
N ALA A 463 0.57 26.15 -19.49
CA ALA A 463 0.47 26.72 -20.83
C ALA A 463 -0.78 26.20 -21.52
N PHE A 464 -1.44 25.22 -20.90
CA PHE A 464 -2.66 24.63 -21.45
C PHE A 464 -3.92 24.95 -20.66
N LYS A 465 -5.07 24.85 -21.33
CA LYS A 465 -6.36 25.10 -20.71
C LYS A 465 -6.47 24.24 -19.45
N HIS A 466 -6.71 24.87 -18.31
CA HIS A 466 -6.79 24.16 -17.04
C HIS A 466 -5.58 23.26 -16.82
N GLY A 467 -4.42 23.74 -17.27
CA GLY A 467 -3.21 22.98 -17.08
C GLY A 467 -2.85 23.03 -15.60
N ARG A 468 -2.15 22.01 -15.12
CA ARG A 468 -1.76 21.94 -13.73
C ARG A 468 -0.25 21.77 -13.63
N THR A 469 0.19 20.58 -13.25
CA THR A 469 1.61 20.27 -13.12
C THR A 469 1.90 18.87 -13.68
N GLU A 470 3.16 18.64 -14.01
CA GLU A 470 3.59 17.34 -14.52
C GLU A 470 4.87 17.03 -13.76
N THR A 471 5.24 15.76 -13.72
CA THR A 471 6.43 15.36 -12.99
C THR A 471 7.65 15.15 -13.87
N ILE A 472 8.73 15.85 -13.54
CA ILE A 472 10.00 15.68 -14.24
C ILE A 472 10.74 14.67 -13.36
N ARG A 473 11.29 13.61 -13.96
CA ARG A 473 12.00 12.58 -13.21
C ARG A 473 13.49 12.76 -13.45
N PRO A 474 14.16 13.53 -12.58
CA PRO A 474 15.59 13.75 -12.75
C PRO A 474 16.55 12.58 -12.48
N ALA A 475 16.09 11.55 -11.79
CA ALA A 475 16.98 10.41 -11.54
C ALA A 475 16.98 9.55 -12.80
N SER A 476 18.09 9.60 -13.54
CA SER A 476 18.20 8.86 -14.80
C SER A 476 19.44 7.97 -14.81
N ILE A 477 19.59 7.19 -15.87
CA ILE A 477 20.76 6.34 -16.02
C ILE A 477 22.00 7.23 -16.05
N PHE A 478 21.83 8.43 -16.60
CA PHE A 478 22.92 9.38 -16.70
C PHE A 478 23.37 9.97 -15.36
N THR A 479 22.43 10.39 -14.52
CA THR A 479 22.81 10.95 -13.22
C THR A 479 23.36 9.84 -12.34
N LYS A 480 22.84 8.63 -12.51
CA LYS A 480 23.30 7.51 -11.71
C LYS A 480 24.75 7.17 -12.10
N ARG A 481 24.99 7.13 -13.40
CA ARG A 481 26.30 6.80 -13.93
C ARG A 481 27.29 7.88 -13.51
N CYS A 482 26.88 9.15 -13.67
CA CYS A 482 27.74 10.27 -13.32
C CYS A 482 28.02 10.33 -11.82
N SER A 483 26.99 10.14 -11.01
CA SER A 483 27.17 10.17 -9.57
C SER A 483 28.13 9.07 -9.13
N GLU A 484 27.96 7.87 -9.68
CA GLU A 484 28.85 6.76 -9.34
C GLU A 484 30.30 7.09 -9.68
N ALA A 485 30.51 7.75 -10.82
CA ALA A 485 31.85 8.12 -11.25
C ALA A 485 32.51 9.11 -10.28
N PHE A 486 31.76 10.13 -9.90
CA PHE A 486 32.27 11.14 -8.97
C PHE A 486 32.47 10.63 -7.56
N VAL A 487 31.53 9.83 -7.08
CA VAL A 487 31.56 9.31 -5.71
C VAL A 487 32.35 8.03 -5.49
N ARG A 488 32.05 7.01 -6.27
CA ARG A 488 32.72 5.71 -6.13
C ARG A 488 34.11 5.65 -6.71
N ASP A 489 34.20 5.87 -8.02
CA ASP A 489 35.47 5.76 -8.73
C ASP A 489 36.18 7.04 -9.13
N PRO A 490 36.40 7.97 -8.20
CA PRO A 490 37.09 9.18 -8.64
C PRO A 490 38.46 8.72 -9.13
N SER A 491 39.18 9.59 -9.82
CA SER A 491 40.52 9.24 -10.32
C SER A 491 40.46 8.25 -11.48
N LYS A 492 39.73 7.15 -11.32
CA LYS A 492 39.61 6.16 -12.38
C LYS A 492 39.00 6.76 -13.65
N HIS A 493 38.52 8.00 -13.53
CA HIS A 493 37.93 8.70 -14.65
C HIS A 493 38.71 9.98 -14.88
N SER A 494 38.85 10.35 -16.16
CA SER A 494 39.56 11.59 -16.50
C SER A 494 38.58 12.75 -16.33
N VAL A 495 39.11 13.95 -16.17
CA VAL A 495 38.27 15.13 -16.02
C VAL A 495 37.39 15.25 -17.26
N GLY A 496 37.94 14.86 -18.41
CA GLY A 496 37.20 14.92 -19.65
C GLY A 496 36.01 13.98 -19.61
N GLU A 497 36.23 12.78 -19.07
CA GLU A 497 35.16 11.80 -18.97
C GLU A 497 34.05 12.31 -18.05
N LEU A 498 34.44 12.96 -16.96
CA LEU A 498 33.45 13.49 -16.03
C LEU A 498 32.66 14.62 -16.67
N GLN A 499 33.33 15.41 -17.50
CA GLN A 499 32.67 16.51 -18.18
C GLN A 499 31.61 16.01 -19.15
N HIS A 500 31.94 15.00 -19.95
CA HIS A 500 30.96 14.49 -20.90
C HIS A 500 29.79 13.78 -20.20
N MET A 501 30.04 13.21 -19.03
CA MET A 501 28.97 12.53 -18.29
C MET A 501 27.97 13.57 -17.78
N MET A 502 28.48 14.72 -17.33
CA MET A 502 27.60 15.78 -16.86
C MET A 502 26.83 16.36 -18.05
N ALA A 503 27.50 16.43 -19.21
CA ALA A 503 26.87 16.94 -20.42
C ALA A 503 25.71 16.01 -20.79
N GLU A 504 25.90 14.72 -20.58
CA GLU A 504 24.86 13.74 -20.86
C GLU A 504 23.67 13.92 -19.92
N CYS A 505 23.95 14.18 -18.64
CA CYS A 505 22.88 14.40 -17.66
C CYS A 505 22.07 15.63 -18.07
N SER A 506 22.78 16.71 -18.39
CA SER A 506 22.15 17.97 -18.79
C SER A 506 21.28 17.80 -20.03
N LYS A 507 21.78 17.09 -21.03
CA LYS A 507 21.03 16.90 -22.25
C LYS A 507 19.74 16.13 -22.03
N TYR A 508 19.80 15.04 -21.28
CA TYR A 508 18.62 14.24 -21.02
C TYR A 508 17.63 15.00 -20.14
N HIS A 509 18.15 15.74 -19.17
CA HIS A 509 17.30 16.50 -18.28
C HIS A 509 16.55 17.59 -19.06
N GLY A 510 17.20 18.15 -20.07
CA GLY A 510 16.55 19.19 -20.86
C GLY A 510 15.42 18.59 -21.66
N GLN A 511 15.63 17.36 -22.11
CA GLN A 511 14.62 16.65 -22.89
C GLN A 511 13.40 16.38 -22.02
N LEU A 512 13.62 15.90 -20.81
CA LEU A 512 12.52 15.61 -19.89
C LEU A 512 11.80 16.90 -19.48
N THR A 513 12.55 17.98 -19.35
CA THR A 513 11.98 19.26 -18.97
C THR A 513 11.02 19.76 -20.05
N LYS A 514 11.44 19.72 -21.31
CA LYS A 514 10.58 20.17 -22.41
C LYS A 514 9.34 19.28 -22.54
N GLU A 515 9.54 17.96 -22.47
CA GLU A 515 8.42 17.05 -22.59
C GLU A 515 7.39 17.28 -21.49
N ALA A 516 7.87 17.47 -20.26
CA ALA A 516 6.99 17.72 -19.12
C ALA A 516 6.15 18.98 -19.31
N THR A 517 6.78 20.07 -19.74
CA THR A 517 6.06 21.32 -19.93
C THR A 517 5.00 21.15 -21.02
N MET A 518 5.21 20.16 -21.89
CA MET A 518 4.27 19.90 -22.98
C MET A 518 3.27 18.81 -22.64
N GLY A 519 3.26 18.37 -21.39
CA GLY A 519 2.33 17.33 -20.97
C GLY A 519 2.76 15.95 -21.42
N GLN A 520 4.03 15.82 -21.80
CA GLN A 520 4.56 14.54 -22.27
C GLN A 520 5.36 13.76 -21.23
N GLY A 521 4.96 13.89 -19.97
CA GLY A 521 5.60 13.13 -18.92
C GLY A 521 4.73 11.89 -18.84
N PHE A 522 5.03 10.97 -17.93
CA PHE A 522 4.21 9.76 -17.82
C PHE A 522 3.37 9.68 -16.56
N ASP A 523 3.76 10.41 -15.52
CA ASP A 523 3.05 10.35 -14.24
C ASP A 523 1.57 10.74 -14.23
N ARG A 524 1.22 11.88 -14.81
CA ARG A 524 -0.17 12.30 -14.80
C ARG A 524 -1.03 11.36 -15.63
N HIS A 525 -0.48 10.90 -16.75
CA HIS A 525 -1.20 9.98 -17.63
C HIS A 525 -1.51 8.67 -16.88
N LEU A 526 -0.49 8.08 -16.26
CA LEU A 526 -0.69 6.83 -15.54
C LEU A 526 -1.64 7.01 -14.36
N TYR A 527 -1.59 8.18 -13.74
CA TYR A 527 -2.48 8.44 -12.61
C TYR A 527 -3.93 8.57 -13.07
N ALA A 528 -4.13 9.23 -14.21
CA ALA A 528 -5.47 9.40 -14.75
C ALA A 528 -6.10 8.08 -15.15
N LEU A 529 -5.29 7.16 -15.67
CA LEU A 529 -5.79 5.85 -16.07
C LEU A 529 -6.21 5.09 -14.82
N ARG A 530 -5.45 5.22 -13.75
CA ARG A 530 -5.78 4.53 -12.50
C ARG A 530 -7.05 5.11 -11.87
N TYR A 531 -7.16 6.44 -11.90
CA TYR A 531 -8.32 7.15 -11.34
C TYR A 531 -9.59 6.71 -12.06
N LEU A 532 -9.48 6.53 -13.37
CA LEU A 532 -10.63 6.11 -14.16
C LEU A 532 -10.99 4.65 -13.87
N ALA A 533 -9.98 3.81 -13.73
CA ALA A 533 -10.23 2.40 -13.41
C ALA A 533 -11.06 2.33 -12.14
N THR A 534 -10.59 3.04 -11.12
CA THR A 534 -11.27 3.08 -9.83
C THR A 534 -12.69 3.61 -9.97
N ALA A 535 -12.86 4.64 -10.80
CA ALA A 535 -14.17 5.22 -11.02
C ALA A 535 -15.10 4.22 -11.68
N ARG A 536 -14.54 3.39 -12.56
CA ARG A 536 -15.33 2.38 -13.26
C ARG A 536 -15.63 1.20 -12.34
N GLY A 537 -15.22 1.29 -11.08
CA GLY A 537 -15.45 0.22 -10.14
C GLY A 537 -14.61 -1.00 -10.45
N LEU A 538 -13.67 -0.82 -11.37
CA LEU A 538 -12.78 -1.90 -11.80
C LEU A 538 -11.64 -2.13 -10.82
N ASN A 539 -11.12 -3.35 -10.80
CA ASN A 539 -10.01 -3.69 -9.92
C ASN A 539 -8.73 -3.01 -10.39
N LEU A 540 -7.90 -2.60 -9.44
CA LEU A 540 -6.66 -1.93 -9.76
C LEU A 540 -5.76 -2.84 -10.61
N PRO A 541 -5.42 -2.40 -11.83
CA PRO A 541 -4.55 -3.20 -12.72
C PRO A 541 -3.23 -3.58 -12.05
N GLU A 542 -2.72 -4.77 -12.38
CA GLU A 542 -1.47 -5.25 -11.80
C GLU A 542 -0.31 -4.28 -11.96
N LEU A 543 -0.33 -3.49 -13.03
CA LEU A 543 0.73 -2.51 -13.26
C LEU A 543 0.90 -1.65 -12.01
N TYR A 544 -0.22 -1.29 -11.38
CA TYR A 544 -0.19 -0.43 -10.20
C TYR A 544 0.06 -1.18 -8.89
N LEU A 545 -0.18 -2.49 -8.90
CA LEU A 545 0.04 -3.28 -7.71
C LEU A 545 1.52 -3.65 -7.60
N ASP A 546 2.24 -3.48 -8.71
CA ASP A 546 3.67 -3.77 -8.79
C ASP A 546 4.42 -2.93 -7.77
N PRO A 547 5.30 -3.57 -6.96
CA PRO A 547 6.07 -2.82 -5.95
C PRO A 547 6.88 -1.69 -6.57
N ALA A 548 7.24 -1.86 -7.85
CA ALA A 548 8.02 -0.87 -8.58
C ALA A 548 7.24 0.43 -8.74
N TYR A 549 5.93 0.31 -8.94
CA TYR A 549 5.09 1.49 -9.11
C TYR A 549 4.98 2.24 -7.80
N GLN A 550 4.72 1.50 -6.73
CA GLN A 550 4.60 2.12 -5.41
C GLN A 550 5.90 2.83 -5.06
N GLN A 551 7.03 2.24 -5.41
CA GLN A 551 8.34 2.85 -5.12
C GLN A 551 8.55 4.13 -5.94
N MET A 552 8.12 4.11 -7.19
CA MET A 552 8.25 5.26 -8.08
C MET A 552 7.45 6.42 -7.51
N ASN A 553 6.42 6.10 -6.73
CA ASN A 553 5.56 7.12 -6.16
C ASN A 553 5.77 7.41 -4.67
N HIS A 554 6.91 6.96 -4.16
CA HIS A 554 7.32 7.19 -2.77
C HIS A 554 8.56 8.05 -3.00
N ASN A 555 8.33 9.34 -3.21
CA ASN A 555 9.38 10.29 -3.53
C ASN A 555 10.28 10.78 -2.40
N ILE A 556 11.33 10.01 -2.14
CA ILE A 556 12.31 10.32 -1.11
C ILE A 556 12.93 11.70 -1.40
N LEU A 557 13.24 11.96 -2.67
CA LEU A 557 13.78 13.25 -3.04
C LEU A 557 12.71 14.05 -3.76
N SER A 558 12.09 14.98 -3.04
CA SER A 558 11.06 15.86 -3.59
C SER A 558 11.68 17.23 -3.77
N THR A 559 11.55 17.77 -4.97
CA THR A 559 12.16 19.06 -5.27
C THR A 559 11.29 19.97 -6.11
N SER A 560 11.56 21.27 -5.99
CA SER A 560 10.87 22.29 -6.76
C SER A 560 11.76 23.52 -6.70
N THR A 561 11.91 24.17 -7.84
CA THR A 561 12.72 25.35 -7.92
C THR A 561 11.81 26.56 -7.83
N LEU A 562 12.37 27.68 -7.39
CA LEU A 562 11.59 28.91 -7.26
C LEU A 562 12.52 30.07 -7.59
N ASN A 563 12.23 30.74 -8.70
CA ASN A 563 13.03 31.88 -9.14
C ASN A 563 12.24 33.17 -9.06
N SER A 564 12.69 34.07 -8.18
CA SER A 564 12.02 35.37 -8.01
C SER A 564 12.84 36.35 -7.20
N PRO A 565 12.90 37.61 -7.65
CA PRO A 565 13.65 38.66 -6.95
C PRO A 565 12.94 39.07 -5.65
N ALA A 566 11.67 38.70 -5.54
CA ALA A 566 10.87 39.01 -4.36
C ALA A 566 11.02 37.97 -3.26
N VAL A 567 11.45 36.77 -3.65
CA VAL A 567 11.62 35.67 -2.70
C VAL A 567 12.98 35.57 -2.03
N SER A 568 12.98 35.52 -0.72
CA SER A 568 14.24 35.40 0.02
C SER A 568 14.53 33.93 0.22
N LEU A 569 13.51 33.20 0.69
CA LEU A 569 13.63 31.78 0.99
C LEU A 569 12.26 31.13 0.85
N GLY A 570 12.25 29.82 0.62
CA GLY A 570 11.00 29.09 0.49
C GLY A 570 11.22 27.68 1.01
N GLY A 571 10.15 26.92 1.21
CA GLY A 571 10.32 25.56 1.69
C GLY A 571 9.03 24.77 1.83
N PHE A 572 9.19 23.47 2.05
CA PHE A 572 8.07 22.56 2.24
C PHE A 572 8.63 21.32 2.90
N ALA A 573 7.78 20.64 3.67
CA ALA A 573 8.21 19.42 4.36
C ALA A 573 8.34 18.29 3.35
N PRO A 574 9.00 17.19 3.73
CA PRO A 574 9.16 16.04 2.82
C PRO A 574 7.78 15.41 2.59
N VAL A 575 7.60 14.75 1.45
CA VAL A 575 6.31 14.15 1.15
C VAL A 575 6.17 12.70 1.63
N VAL A 576 7.25 12.14 2.17
CA VAL A 576 7.24 10.79 2.72
C VAL A 576 8.09 10.86 3.99
N PRO A 577 7.80 9.99 4.98
CA PRO A 577 8.52 9.95 6.26
C PRO A 577 10.05 9.89 6.16
N ASP A 578 10.56 9.16 5.18
CA ASP A 578 12.01 9.06 5.01
C ASP A 578 12.49 9.87 3.80
N GLY A 579 11.83 10.99 3.53
CA GLY A 579 12.25 11.81 2.41
C GLY A 579 12.81 13.17 2.79
N PHE A 580 13.20 13.93 1.78
CA PHE A 580 13.72 15.28 1.92
C PHE A 580 12.78 16.16 1.10
N GLY A 581 12.54 17.38 1.58
CA GLY A 581 11.72 18.34 0.86
C GLY A 581 12.73 19.39 0.41
N ILE A 582 13.04 19.42 -0.87
CA ILE A 582 14.06 20.33 -1.37
C ILE A 582 13.62 21.50 -2.23
N ALA A 583 13.74 22.71 -1.69
CA ALA A 583 13.41 23.92 -2.42
C ALA A 583 14.76 24.56 -2.75
N TYR A 584 14.97 24.87 -4.02
CA TYR A 584 16.25 25.45 -4.43
C TYR A 584 16.09 26.52 -5.50
N ALA A 585 17.15 27.29 -5.69
CA ALA A 585 17.15 28.35 -6.68
C ALA A 585 18.56 28.57 -7.20
N VAL A 586 18.71 28.52 -8.51
CA VAL A 586 20.01 28.77 -9.12
C VAL A 586 20.00 30.22 -9.56
N HIS A 587 20.87 31.02 -8.95
CA HIS A 587 20.97 32.43 -9.28
C HIS A 587 22.12 32.62 -10.26
N ASP A 588 22.34 33.84 -10.72
CA ASP A 588 23.40 34.08 -11.68
C ASP A 588 24.78 33.72 -11.16
N ASP A 589 25.06 34.08 -9.91
CA ASP A 589 26.37 33.80 -9.33
C ASP A 589 26.41 32.90 -8.12
N TRP A 590 25.27 32.36 -7.70
CA TRP A 590 25.25 31.47 -6.56
C TRP A 590 24.06 30.52 -6.59
N ILE A 591 24.07 29.54 -5.69
CA ILE A 591 23.00 28.55 -5.63
C ILE A 591 22.52 28.36 -4.18
N GLY A 592 21.20 28.45 -3.99
CA GLY A 592 20.64 28.28 -2.66
C GLY A 592 19.68 27.11 -2.57
N CYS A 593 19.69 26.43 -1.41
CA CYS A 593 18.80 25.29 -1.16
C CYS A 593 18.27 25.36 0.26
N ASN A 594 16.98 25.05 0.43
CA ASN A 594 16.37 25.01 1.76
C ASN A 594 15.81 23.61 1.83
N VAL A 595 16.39 22.78 2.70
CA VAL A 595 16.00 21.39 2.82
C VAL A 595 15.40 20.95 4.14
N SER A 596 14.29 20.23 4.04
CA SER A 596 13.61 19.70 5.22
C SER A 596 13.77 18.19 5.28
N SER A 597 13.64 17.65 6.49
CA SER A 597 13.72 16.21 6.69
C SER A 597 13.01 15.86 8.00
N TYR A 598 12.62 14.60 8.13
CA TYR A 598 11.99 14.13 9.36
C TYR A 598 13.09 13.37 10.09
N SER A 599 12.74 12.73 11.20
CA SER A 599 13.72 12.00 12.00
C SER A 599 14.59 11.01 11.20
N GLY A 600 13.98 10.34 10.23
CA GLY A 600 14.68 9.35 9.44
C GLY A 600 15.83 9.80 8.55
N ARG A 601 15.85 11.08 8.19
CA ARG A 601 16.91 11.60 7.33
C ARG A 601 17.60 12.76 8.03
N ASN A 602 18.74 13.20 7.49
CA ASN A 602 19.49 14.28 8.07
C ASN A 602 19.69 15.39 7.04
N ALA A 603 18.89 16.44 7.12
CA ALA A 603 18.95 17.55 6.18
C ALA A 603 20.28 18.29 6.23
N ARG A 604 20.79 18.49 7.43
CA ARG A 604 22.06 19.19 7.62
C ARG A 604 23.21 18.45 6.94
N GLU A 605 23.30 17.15 7.18
CA GLU A 605 24.36 16.34 6.57
C GLU A 605 24.18 16.30 5.05
N PHE A 606 22.94 16.18 4.61
CA PHE A 606 22.64 16.15 3.18
C PHE A 606 23.19 17.39 2.51
N LEU A 607 22.90 18.55 3.09
CA LEU A 607 23.35 19.83 2.55
C LEU A 607 24.87 19.91 2.52
N HIS A 608 25.52 19.33 3.53
CA HIS A 608 26.99 19.35 3.54
C HIS A 608 27.44 18.61 2.29
N CYS A 609 26.86 17.45 2.04
CA CYS A 609 27.21 16.67 0.86
C CYS A 609 26.86 17.40 -0.42
N VAL A 610 25.76 18.15 -0.42
CA VAL A 610 25.37 18.89 -1.63
C VAL A 610 26.43 19.94 -1.92
N GLN A 611 26.93 20.58 -0.86
CA GLN A 611 27.97 21.59 -0.97
C GLN A 611 29.21 20.94 -1.59
N LYS A 612 29.61 19.80 -1.03
CA LYS A 612 30.76 19.03 -1.48
C LYS A 612 30.65 18.63 -2.96
N CYS A 613 29.47 18.16 -3.36
CA CYS A 613 29.26 17.75 -4.74
C CYS A 613 29.28 18.92 -5.71
N LEU A 614 28.72 20.05 -5.31
CA LEU A 614 28.70 21.22 -6.17
C LEU A 614 30.14 21.71 -6.38
N GLU A 615 30.97 21.57 -5.36
CA GLU A 615 32.36 21.98 -5.47
C GLU A 615 33.10 21.03 -6.41
N ASP A 616 32.81 19.74 -6.31
CA ASP A 616 33.46 18.76 -7.18
C ASP A 616 33.03 18.97 -8.63
N ILE A 617 31.76 19.29 -8.82
CA ILE A 617 31.23 19.52 -10.15
C ILE A 617 31.88 20.75 -10.76
N PHE A 618 32.01 21.83 -9.98
CA PHE A 618 32.63 23.06 -10.48
C PHE A 618 34.11 22.84 -10.77
N ASP A 619 34.79 22.06 -9.94
CA ASP A 619 36.20 21.79 -10.16
C ASP A 619 36.38 21.08 -11.51
N ALA A 620 35.64 19.99 -11.70
CA ALA A 620 35.72 19.22 -12.94
C ALA A 620 35.42 20.06 -14.16
N LEU A 621 34.45 20.97 -14.03
CA LEU A 621 34.09 21.84 -15.14
C LEU A 621 35.22 22.82 -15.45
N GLU A 622 36.08 23.07 -14.47
CA GLU A 622 37.21 23.98 -14.63
C GLU A 622 38.49 23.25 -15.03
N GLY A 623 38.35 21.99 -15.44
CA GLY A 623 39.50 21.21 -15.86
C GLY A 623 40.33 20.65 -14.72
N LYS A 624 39.85 20.79 -13.49
CA LYS A 624 40.56 20.29 -12.32
C LYS A 624 40.15 18.86 -12.02
N ALA A 625 41.04 18.10 -11.39
CA ALA A 625 40.74 16.71 -11.04
C ALA A 625 40.32 16.62 -9.58
N ALA B 1 -23.02 -36.63 -19.76
CA ALA B 1 -22.61 -36.77 -21.19
C ALA B 1 -21.40 -35.87 -21.49
N ASP B 2 -21.28 -34.78 -20.75
CA ASP B 2 -20.19 -33.83 -20.93
C ASP B 2 -19.00 -34.11 -20.00
N ASP B 3 -18.03 -33.19 -20.02
CA ASP B 3 -16.83 -33.33 -19.19
C ASP B 3 -16.89 -32.52 -17.89
N TYR B 4 -18.09 -32.11 -17.49
CA TYR B 4 -18.27 -31.32 -16.27
C TYR B 4 -18.74 -32.22 -15.15
N LEU B 5 -18.23 -32.01 -13.94
CA LEU B 5 -18.63 -32.85 -12.81
C LEU B 5 -19.69 -32.16 -11.96
N GLN B 6 -20.16 -31.01 -12.43
CA GLN B 6 -21.20 -30.24 -11.75
C GLN B 6 -21.84 -29.34 -12.81
N HIS B 7 -23.10 -28.99 -12.60
CA HIS B 7 -23.82 -28.16 -13.57
C HIS B 7 -24.65 -27.11 -12.85
N SER B 8 -23.98 -26.23 -12.10
CA SER B 8 -24.65 -25.18 -11.36
C SER B 8 -25.48 -24.26 -12.24
N ILE B 9 -26.71 -23.97 -11.83
CA ILE B 9 -27.55 -23.07 -12.60
C ILE B 9 -27.26 -21.65 -12.12
N VAL B 10 -26.38 -21.55 -11.12
CA VAL B 10 -25.96 -20.26 -10.60
C VAL B 10 -24.48 -20.14 -10.97
N PRO B 11 -24.11 -19.13 -11.76
CA PRO B 11 -22.69 -18.99 -12.12
C PRO B 11 -21.77 -19.10 -10.90
N THR B 12 -20.66 -19.81 -11.09
CA THR B 12 -19.68 -20.01 -10.01
C THR B 12 -19.30 -18.71 -9.31
N MET B 13 -19.01 -17.68 -10.09
CA MET B 13 -18.60 -16.40 -9.54
C MET B 13 -19.73 -15.41 -9.32
N HIS B 14 -20.96 -15.91 -9.27
CA HIS B 14 -22.15 -15.06 -9.12
C HIS B 14 -22.18 -14.10 -7.94
N TYR B 15 -21.54 -14.45 -6.84
CA TYR B 15 -21.56 -13.59 -5.65
C TYR B 15 -20.30 -12.74 -5.43
N GLN B 16 -19.28 -12.93 -6.27
CA GLN B 16 -18.02 -12.21 -6.09
C GLN B 16 -18.10 -10.70 -6.07
N ASP B 17 -18.92 -10.10 -6.93
CA ASP B 17 -19.03 -8.65 -6.97
C ASP B 17 -19.70 -8.02 -5.74
N SER B 18 -20.53 -8.79 -5.04
CA SER B 18 -21.21 -8.23 -3.88
C SER B 18 -20.73 -8.71 -2.50
N LEU B 19 -19.59 -9.40 -2.45
CA LEU B 19 -19.05 -9.85 -1.16
C LEU B 19 -18.74 -8.66 -0.27
N PRO B 20 -18.98 -8.78 1.05
CA PRO B 20 -18.69 -7.67 1.97
C PRO B 20 -17.19 -7.42 2.04
N ARG B 21 -16.80 -6.19 2.32
CA ARG B 21 -15.39 -5.87 2.43
C ARG B 21 -14.88 -6.33 3.80
N LEU B 22 -13.64 -6.80 3.83
CA LEU B 22 -13.05 -7.26 5.08
C LEU B 22 -12.91 -6.06 6.03
N PRO B 23 -13.57 -6.09 7.19
CA PRO B 23 -13.44 -4.93 8.08
C PRO B 23 -12.09 -4.81 8.78
N ILE B 24 -11.74 -3.57 9.12
CA ILE B 24 -10.52 -3.29 9.85
C ILE B 24 -10.98 -2.96 11.26
N PRO B 25 -10.47 -3.68 12.26
CA PRO B 25 -10.88 -3.42 13.65
C PRO B 25 -10.48 -2.03 14.15
N LYS B 26 -11.16 -1.55 15.18
CA LYS B 26 -10.83 -0.25 15.78
C LYS B 26 -9.51 -0.52 16.49
N LEU B 27 -8.56 0.41 16.40
CA LEU B 27 -7.27 0.21 17.05
C LEU B 27 -7.42 -0.14 18.52
N GLU B 28 -8.37 0.49 19.19
CA GLU B 28 -8.63 0.23 20.61
C GLU B 28 -8.98 -1.23 20.89
N ASP B 29 -9.81 -1.84 20.05
CA ASP B 29 -10.19 -3.23 20.26
C ASP B 29 -8.99 -4.16 20.02
N THR B 30 -8.22 -3.86 18.98
CA THR B 30 -7.05 -4.66 18.65
C THR B 30 -6.03 -4.68 19.77
N MET B 31 -5.77 -3.52 20.36
CA MET B 31 -4.80 -3.47 21.46
C MET B 31 -5.29 -4.24 22.68
N LYS B 32 -6.58 -4.16 22.97
CA LYS B 32 -7.14 -4.86 24.10
C LYS B 32 -7.10 -6.37 23.87
N ARG B 33 -7.43 -6.79 22.66
CA ARG B 33 -7.42 -8.22 22.32
C ARG B 33 -6.01 -8.77 22.35
N TYR B 34 -5.04 -7.96 21.93
CA TYR B 34 -3.63 -8.35 21.94
C TYR B 34 -3.19 -8.57 23.38
N LEU B 35 -3.60 -7.66 24.27
CA LEU B 35 -3.25 -7.78 25.68
C LEU B 35 -3.94 -8.98 26.33
N ASN B 36 -5.19 -9.23 25.94
CA ASN B 36 -5.90 -10.38 26.49
C ASN B 36 -5.15 -11.66 26.15
N ALA B 37 -4.65 -11.76 24.92
CA ALA B 37 -3.93 -12.95 24.48
C ALA B 37 -2.56 -13.09 25.17
N GLN B 38 -2.02 -11.97 25.64
CA GLN B 38 -0.72 -11.98 26.34
C GLN B 38 -0.88 -12.36 27.80
N LYS B 39 -2.05 -12.09 28.37
CA LYS B 39 -2.25 -12.36 29.79
C LYS B 39 -1.75 -13.72 30.27
N PRO B 40 -2.08 -14.79 29.55
CA PRO B 40 -1.58 -16.08 30.04
C PRO B 40 -0.12 -16.41 29.74
N LEU B 41 0.51 -15.61 28.88
CA LEU B 41 1.89 -15.86 28.51
C LEU B 41 2.94 -15.06 29.25
N LEU B 42 2.56 -13.89 29.79
CA LEU B 42 3.54 -13.03 30.46
C LEU B 42 3.40 -12.92 31.97
N ASP B 43 4.53 -12.77 32.67
CA ASP B 43 4.45 -12.60 34.11
C ASP B 43 4.09 -11.13 34.35
N ASP B 44 3.83 -10.75 35.58
CA ASP B 44 3.45 -9.36 35.88
C ASP B 44 4.38 -8.29 35.31
N SER B 45 5.68 -8.45 35.53
CA SER B 45 6.65 -7.48 35.04
C SER B 45 6.58 -7.30 33.55
N GLN B 46 6.59 -8.42 32.83
CA GLN B 46 6.54 -8.40 31.37
C GLN B 46 5.25 -7.79 30.84
N PHE B 47 4.13 -8.14 31.47
CA PHE B 47 2.82 -7.62 31.05
C PHE B 47 2.72 -6.11 31.22
N ARG B 48 3.19 -5.60 32.35
CA ARG B 48 3.15 -4.16 32.59
C ARG B 48 3.94 -3.42 31.52
N ARG B 49 5.13 -3.93 31.20
CA ARG B 49 5.95 -3.29 30.18
C ARG B 49 5.23 -3.30 28.83
N THR B 50 4.73 -4.46 28.44
CA THR B 50 4.01 -4.58 27.16
C THR B 50 2.78 -3.66 27.14
N GLU B 51 2.06 -3.60 28.25
CA GLU B 51 0.87 -2.76 28.32
C GLU B 51 1.25 -1.29 28.11
N ALA B 52 2.38 -0.87 28.67
CA ALA B 52 2.85 0.50 28.52
C ALA B 52 3.16 0.77 27.03
N LEU B 53 3.73 -0.22 26.35
CA LEU B 53 4.07 -0.08 24.94
C LEU B 53 2.81 0.04 24.10
N CYS B 54 1.77 -0.72 24.47
CA CYS B 54 0.51 -0.66 23.75
C CYS B 54 -0.11 0.73 23.88
N LYS B 55 -0.03 1.28 25.09
CA LYS B 55 -0.56 2.61 25.37
C LYS B 55 0.11 3.64 24.47
N ASN B 56 1.44 3.61 24.42
CA ASN B 56 2.18 4.56 23.60
C ASN B 56 1.86 4.35 22.11
N PHE B 57 1.70 3.09 21.72
CA PHE B 57 1.39 2.75 20.35
C PHE B 57 0.01 3.26 19.91
N GLU B 58 -0.98 3.02 20.76
CA GLU B 58 -2.36 3.43 20.47
C GLU B 58 -2.54 4.94 20.34
N THR B 59 -1.77 5.69 21.11
CA THR B 59 -1.86 7.15 21.07
C THR B 59 -0.79 7.74 20.16
N GLY B 60 0.19 6.94 19.78
CA GLY B 60 1.27 7.46 18.94
C GLY B 60 1.32 7.01 17.49
N VAL B 61 2.46 6.41 17.13
CA VAL B 61 2.68 5.94 15.78
C VAL B 61 1.58 4.97 15.33
N GLY B 62 1.13 4.11 16.23
CA GLY B 62 0.09 3.17 15.88
C GLY B 62 -1.15 3.89 15.38
N LYS B 63 -1.54 4.95 16.07
CA LYS B 63 -2.71 5.73 15.69
C LYS B 63 -2.57 6.27 14.26
N GLU B 64 -1.38 6.75 13.92
CA GLU B 64 -1.15 7.29 12.60
C GLU B 64 -1.12 6.19 11.54
N LEU B 65 -0.47 5.08 11.87
CA LEU B 65 -0.41 3.96 10.94
C LEU B 65 -1.82 3.50 10.63
N HIS B 66 -2.65 3.39 11.67
CA HIS B 66 -4.03 2.97 11.50
C HIS B 66 -4.81 3.88 10.56
N ALA B 67 -4.61 5.18 10.68
CA ALA B 67 -5.31 6.13 9.81
C ALA B 67 -4.89 5.89 8.36
N HIS B 68 -3.59 5.65 8.15
CA HIS B 68 -3.09 5.40 6.81
C HIS B 68 -3.63 4.07 6.28
N LEU B 69 -3.73 3.08 7.17
CA LEU B 69 -4.24 1.77 6.77
C LEU B 69 -5.68 1.95 6.28
N LEU B 70 -6.46 2.74 7.03
CA LEU B 70 -7.86 2.99 6.67
C LEU B 70 -7.95 3.72 5.33
N ALA B 71 -7.12 4.73 5.15
CA ALA B 71 -7.14 5.49 3.90
C ALA B 71 -6.82 4.60 2.70
N GLN B 72 -5.82 3.76 2.86
CA GLN B 72 -5.38 2.86 1.79
C GLN B 72 -6.51 1.88 1.44
N ASP B 73 -7.23 1.44 2.46
CA ASP B 73 -8.34 0.51 2.25
C ASP B 73 -9.45 1.15 1.42
N LYS B 74 -9.75 2.42 1.69
CA LYS B 74 -10.79 3.14 0.95
C LYS B 74 -10.39 3.35 -0.50
N GLN B 75 -9.09 3.32 -0.77
CA GLN B 75 -8.58 3.49 -2.13
C GLN B 75 -8.47 2.14 -2.85
N ASN B 76 -8.81 1.06 -2.15
CA ASN B 76 -8.75 -0.28 -2.73
C ASN B 76 -9.91 -1.10 -2.19
N LYS B 77 -11.12 -0.65 -2.48
CA LYS B 77 -12.33 -1.31 -2.00
C LYS B 77 -12.71 -2.63 -2.65
N HIS B 78 -11.97 -3.03 -3.68
CA HIS B 78 -12.29 -4.28 -4.35
C HIS B 78 -11.39 -5.42 -3.92
N THR B 79 -10.60 -5.16 -2.89
CA THR B 79 -9.72 -6.17 -2.34
C THR B 79 -9.78 -6.01 -0.82
N SER B 80 -8.86 -6.64 -0.10
CA SER B 80 -8.84 -6.52 1.35
C SER B 80 -7.51 -5.92 1.78
N TYR B 81 -7.46 -5.37 2.97
CA TYR B 81 -6.23 -4.76 3.45
C TYR B 81 -5.14 -5.79 3.74
N ILE B 82 -5.53 -7.03 3.96
CA ILE B 82 -4.57 -8.08 4.31
C ILE B 82 -4.05 -8.96 3.19
N SER B 83 -4.83 -9.14 2.13
CA SER B 83 -4.41 -10.04 1.06
C SER B 83 -3.05 -9.74 0.45
N GLY B 84 -2.87 -8.50 -0.02
CA GLY B 84 -1.60 -8.11 -0.61
C GLY B 84 -0.41 -8.39 0.29
N PRO B 85 -0.39 -7.82 1.49
CA PRO B 85 0.71 -8.02 2.43
C PRO B 85 0.95 -9.49 2.79
N TRP B 86 -0.12 -10.27 2.86
CA TRP B 86 0.01 -11.69 3.21
C TRP B 86 0.75 -12.45 2.10
N PHE B 87 0.35 -12.22 0.84
CA PHE B 87 1.00 -12.87 -0.29
C PHE B 87 2.48 -12.48 -0.33
N ASP B 88 2.75 -11.21 -0.10
CA ASP B 88 4.10 -10.69 -0.14
C ASP B 88 4.97 -11.38 0.90
N MET B 89 4.41 -11.59 2.08
CA MET B 89 5.16 -12.24 3.16
C MET B 89 5.65 -13.63 2.73
N TYR B 90 4.77 -14.43 2.16
CA TYR B 90 5.17 -15.77 1.75
C TYR B 90 5.96 -15.85 0.46
N LEU B 91 5.71 -14.95 -0.48
CA LEU B 91 6.47 -14.99 -1.72
C LEU B 91 7.90 -14.45 -1.49
N THR B 92 8.06 -13.62 -0.47
CA THR B 92 9.35 -13.04 -0.14
C THR B 92 10.20 -13.96 0.73
N ALA B 93 9.55 -14.81 1.54
CA ALA B 93 10.28 -15.73 2.41
C ALA B 93 11.26 -16.57 1.58
N ARG B 94 12.49 -16.73 2.06
CA ARG B 94 13.50 -17.48 1.31
C ARG B 94 13.66 -18.93 1.73
N ASP B 95 13.08 -19.30 2.86
CA ASP B 95 13.19 -20.66 3.36
C ASP B 95 12.57 -21.70 2.41
N SER B 96 13.05 -22.93 2.52
CA SER B 96 12.54 -24.04 1.71
C SER B 96 11.04 -24.12 1.95
N ILE B 97 10.26 -24.36 0.89
CA ILE B 97 8.82 -24.44 1.05
C ILE B 97 8.41 -25.79 1.63
N VAL B 98 9.31 -26.77 1.55
CA VAL B 98 9.03 -28.09 2.09
C VAL B 98 9.12 -28.01 3.61
N LEU B 99 8.13 -28.57 4.29
CA LEU B 99 8.01 -28.56 5.75
C LEU B 99 7.63 -27.19 6.33
N ASN B 100 8.39 -26.17 5.96
CA ASN B 100 8.09 -24.84 6.50
C ASN B 100 6.69 -24.35 6.12
N PHE B 101 6.24 -24.66 4.90
CA PHE B 101 4.93 -24.16 4.46
C PHE B 101 3.96 -25.15 3.82
N ASN B 102 4.47 -25.99 2.92
CA ASN B 102 3.61 -26.95 2.20
C ASN B 102 2.99 -28.03 3.09
N PRO B 103 1.65 -28.15 3.08
CA PRO B 103 0.96 -29.18 3.88
C PRO B 103 0.41 -30.26 2.94
N PHE B 104 -0.30 -31.24 3.50
CA PHE B 104 -0.88 -32.29 2.67
C PHE B 104 -2.23 -32.76 3.23
N MET B 105 -3.04 -33.33 2.35
CA MET B 105 -4.33 -33.89 2.74
C MET B 105 -4.41 -35.23 2.02
N ALA B 106 -4.65 -36.29 2.77
CA ALA B 106 -4.74 -37.61 2.15
C ALA B 106 -6.20 -38.03 1.95
N PHE B 107 -6.47 -38.66 0.82
CA PHE B 107 -7.81 -39.12 0.49
C PHE B 107 -8.19 -40.38 1.23
N ASN B 108 -9.49 -40.57 1.42
CA ASN B 108 -9.96 -41.81 2.00
C ASN B 108 -9.93 -42.73 0.78
N PRO B 109 -9.79 -44.05 1.00
CA PRO B 109 -9.75 -44.96 -0.15
C PRO B 109 -11.14 -45.03 -0.79
N ASP B 110 -11.22 -45.57 -2.00
CA ASP B 110 -12.52 -45.73 -2.64
C ASP B 110 -13.15 -46.85 -1.82
N PRO B 111 -14.43 -46.71 -1.44
CA PRO B 111 -15.11 -47.75 -0.65
C PRO B 111 -14.98 -49.14 -1.26
N LYS B 112 -14.96 -49.21 -2.59
CA LYS B 112 -14.81 -50.48 -3.30
C LYS B 112 -13.32 -50.75 -3.47
N SER B 113 -12.79 -51.67 -2.67
CA SER B 113 -11.37 -52.01 -2.69
C SER B 113 -10.76 -52.13 -4.09
N GLU B 114 -11.42 -52.90 -4.95
CA GLU B 114 -10.95 -53.12 -6.31
C GLU B 114 -10.57 -51.83 -7.06
N TYR B 115 -11.32 -50.75 -6.84
CA TYR B 115 -11.03 -49.49 -7.51
C TYR B 115 -9.78 -48.77 -6.99
N ASN B 116 -9.14 -49.35 -5.97
CA ASN B 116 -7.95 -48.75 -5.40
C ASN B 116 -6.66 -49.27 -6.04
N ASP B 117 -6.82 -49.84 -7.24
CA ASP B 117 -5.68 -50.33 -7.99
C ASP B 117 -4.95 -49.05 -8.40
N GLN B 118 -3.61 -49.04 -8.33
CA GLN B 118 -2.87 -47.83 -8.69
C GLN B 118 -3.25 -47.24 -10.06
N LEU B 119 -3.09 -48.03 -11.12
CA LEU B 119 -3.41 -47.54 -12.46
C LEU B 119 -4.85 -47.04 -12.53
N THR B 120 -5.78 -47.85 -12.02
CA THR B 120 -7.19 -47.48 -12.04
C THR B 120 -7.46 -46.16 -11.30
N ARG B 121 -6.96 -46.05 -10.08
CA ARG B 121 -7.21 -44.85 -9.31
C ARG B 121 -6.47 -43.61 -9.81
N ALA B 122 -5.23 -43.78 -10.28
CA ALA B 122 -4.49 -42.64 -10.81
C ALA B 122 -5.28 -42.11 -12.01
N THR B 123 -5.84 -43.02 -12.80
CA THR B 123 -6.62 -42.62 -13.96
C THR B 123 -7.92 -41.91 -13.54
N ASN B 124 -8.66 -42.51 -12.62
CA ASN B 124 -9.92 -41.91 -12.18
C ASN B 124 -9.72 -40.58 -11.45
N LEU B 125 -8.69 -40.49 -10.62
CA LEU B 125 -8.40 -39.25 -9.90
C LEU B 125 -7.94 -38.16 -10.88
N THR B 126 -7.17 -38.56 -11.90
CA THR B 126 -6.70 -37.61 -12.91
C THR B 126 -7.86 -37.07 -13.75
N VAL B 127 -8.74 -37.97 -14.21
CA VAL B 127 -9.86 -37.53 -15.02
C VAL B 127 -10.83 -36.67 -14.21
N SER B 128 -11.01 -36.99 -12.94
CA SER B 128 -11.90 -36.19 -12.10
C SER B 128 -11.29 -34.81 -11.90
N ALA B 129 -9.97 -34.75 -11.74
CA ALA B 129 -9.29 -33.47 -11.55
C ALA B 129 -9.47 -32.58 -12.79
N VAL B 130 -9.36 -33.18 -13.98
CA VAL B 130 -9.50 -32.41 -15.21
C VAL B 130 -10.96 -32.01 -15.41
N ARG B 131 -11.88 -32.84 -14.95
CA ARG B 131 -13.30 -32.52 -15.04
C ARG B 131 -13.54 -31.30 -14.14
N PHE B 132 -12.86 -31.25 -13.00
CA PHE B 132 -13.02 -30.12 -12.10
C PHE B 132 -12.51 -28.86 -12.81
N LEU B 133 -11.34 -28.97 -13.45
CA LEU B 133 -10.77 -27.84 -14.17
C LEU B 133 -11.77 -27.32 -15.19
N LYS B 134 -12.34 -28.24 -15.99
CA LYS B 134 -13.33 -27.87 -17.00
C LYS B 134 -14.54 -27.20 -16.37
N THR B 135 -15.05 -27.79 -15.30
CA THR B 135 -16.23 -27.27 -14.62
C THR B 135 -15.98 -25.88 -14.06
N LEU B 136 -14.83 -25.70 -13.41
CA LEU B 136 -14.47 -24.41 -12.84
C LEU B 136 -14.36 -23.34 -13.94
N GLN B 137 -13.63 -23.65 -15.00
CA GLN B 137 -13.45 -22.68 -16.09
C GLN B 137 -14.74 -22.33 -16.81
N ALA B 138 -15.69 -23.27 -16.85
CA ALA B 138 -16.96 -23.02 -17.53
C ALA B 138 -17.96 -22.29 -16.63
N GLY B 139 -17.59 -22.07 -15.37
CA GLY B 139 -18.47 -21.37 -14.46
C GLY B 139 -19.65 -22.24 -14.03
N LEU B 140 -19.48 -23.55 -14.13
CA LEU B 140 -20.53 -24.50 -13.77
C LEU B 140 -20.32 -25.12 -12.39
N LEU B 141 -19.23 -24.74 -11.71
CA LEU B 141 -18.97 -25.25 -10.36
C LEU B 141 -19.90 -24.44 -9.47
N GLU B 142 -20.59 -25.08 -8.54
CA GLU B 142 -21.48 -24.34 -7.67
C GLU B 142 -20.69 -23.31 -6.85
N PRO B 143 -21.24 -22.10 -6.68
CA PRO B 143 -20.53 -21.09 -5.90
C PRO B 143 -20.23 -21.65 -4.51
N GLU B 144 -19.09 -21.26 -3.93
CA GLU B 144 -18.74 -21.71 -2.59
C GLU B 144 -19.63 -20.92 -1.62
N VAL B 145 -20.43 -21.63 -0.83
CA VAL B 145 -21.33 -20.97 0.12
C VAL B 145 -21.43 -21.70 1.44
N PHE B 146 -21.35 -20.97 2.54
CA PHE B 146 -21.48 -21.57 3.86
C PHE B 146 -22.95 -21.38 4.27
N HIS B 147 -23.64 -22.49 4.53
CA HIS B 147 -25.06 -22.45 4.92
C HIS B 147 -25.25 -22.73 6.41
N LEU B 148 -25.95 -21.83 7.10
CA LEU B 148 -26.23 -22.04 8.52
C LEU B 148 -27.29 -23.12 8.64
N ASN B 149 -28.02 -23.31 7.54
CA ASN B 149 -29.06 -24.33 7.45
C ASN B 149 -29.32 -24.60 5.97
N PRO B 150 -28.57 -25.53 5.39
CA PRO B 150 -28.70 -25.89 3.97
C PRO B 150 -30.11 -26.32 3.57
N SER B 151 -30.86 -26.84 4.54
CA SER B 151 -32.23 -27.30 4.28
C SER B 151 -33.08 -26.25 3.59
N LYS B 152 -32.87 -24.98 3.94
CA LYS B 152 -33.64 -23.90 3.34
C LYS B 152 -32.90 -23.05 2.33
N SER B 153 -31.58 -22.93 2.50
CA SER B 153 -30.78 -22.09 1.62
C SER B 153 -30.12 -22.81 0.44
N ASP B 154 -29.71 -24.06 0.63
CA ASP B 154 -29.06 -24.78 -0.45
C ASP B 154 -30.07 -25.66 -1.19
N THR B 155 -31.05 -25.01 -1.79
CA THR B 155 -32.10 -25.71 -2.53
C THR B 155 -32.20 -25.18 -3.96
N ASP B 156 -32.86 -25.94 -4.83
CA ASP B 156 -33.01 -25.50 -6.21
C ASP B 156 -33.96 -24.32 -6.27
N ALA B 157 -34.90 -24.27 -5.33
CA ALA B 157 -35.86 -23.18 -5.27
C ALA B 157 -35.12 -21.85 -5.09
N PHE B 158 -34.16 -21.84 -4.15
CA PHE B 158 -33.39 -20.62 -3.93
C PHE B 158 -32.51 -20.33 -5.15
N LYS B 159 -31.83 -21.36 -5.64
CA LYS B 159 -30.95 -21.21 -6.80
C LYS B 159 -31.67 -20.66 -8.02
N ARG B 160 -32.91 -21.12 -8.26
CA ARG B 160 -33.68 -20.64 -9.41
C ARG B 160 -34.00 -19.16 -9.28
N LEU B 161 -34.06 -18.68 -8.04
CA LEU B 161 -34.36 -17.27 -7.81
C LEU B 161 -33.10 -16.42 -7.82
N ILE B 162 -32.08 -16.85 -7.07
CA ILE B 162 -30.86 -16.08 -6.98
C ILE B 162 -30.18 -15.87 -8.34
N ARG B 163 -30.34 -16.81 -9.26
CA ARG B 163 -29.70 -16.69 -10.57
C ARG B 163 -30.18 -15.49 -11.36
N PHE B 164 -31.33 -14.94 -10.98
CA PHE B 164 -31.87 -13.78 -11.68
C PHE B 164 -31.42 -12.46 -11.05
N VAL B 165 -30.89 -12.53 -9.84
CA VAL B 165 -30.42 -11.34 -9.14
C VAL B 165 -29.02 -11.01 -9.65
N PRO B 166 -28.79 -9.76 -10.08
CA PRO B 166 -27.48 -9.37 -10.58
C PRO B 166 -26.37 -9.46 -9.53
N PRO B 167 -25.12 -9.77 -9.97
CA PRO B 167 -23.96 -9.90 -9.09
C PRO B 167 -23.83 -8.74 -8.11
N SER B 168 -24.31 -7.57 -8.53
CA SER B 168 -24.26 -6.39 -7.67
C SER B 168 -25.06 -6.56 -6.39
N LEU B 169 -26.08 -7.41 -6.42
CA LEU B 169 -26.93 -7.60 -5.25
C LEU B 169 -27.09 -9.03 -4.76
N SER B 170 -26.51 -9.99 -5.49
CA SER B 170 -26.66 -11.39 -5.13
C SER B 170 -26.29 -11.77 -3.70
N TRP B 171 -25.22 -11.18 -3.16
CA TRP B 171 -24.82 -11.53 -1.79
C TRP B 171 -25.96 -11.32 -0.79
N TYR B 172 -26.69 -10.21 -0.95
CA TYR B 172 -27.80 -9.90 -0.04
C TYR B 172 -28.88 -10.97 -0.05
N GLY B 173 -29.17 -11.52 -1.23
CA GLY B 173 -30.19 -12.56 -1.33
C GLY B 173 -29.76 -13.78 -0.54
N ALA B 174 -28.47 -14.08 -0.57
CA ALA B 174 -27.95 -15.23 0.17
C ALA B 174 -27.98 -14.89 1.66
N TYR B 175 -27.60 -13.67 1.98
CA TYR B 175 -27.58 -13.20 3.37
C TYR B 175 -28.97 -13.35 3.99
N LEU B 176 -30.01 -13.01 3.23
CA LEU B 176 -31.38 -13.09 3.70
C LEU B 176 -31.82 -14.49 4.13
N VAL B 177 -31.24 -15.52 3.53
CA VAL B 177 -31.59 -16.88 3.89
C VAL B 177 -30.50 -17.52 4.76
N ASN B 178 -29.72 -16.66 5.43
CA ASN B 178 -28.63 -17.11 6.31
C ASN B 178 -27.57 -17.94 5.62
N ALA B 179 -27.26 -17.57 4.38
CA ALA B 179 -26.24 -18.25 3.60
C ALA B 179 -25.11 -17.25 3.39
N TYR B 180 -23.88 -17.71 3.47
CA TYR B 180 -22.76 -16.80 3.30
C TYR B 180 -21.79 -17.21 2.21
N PRO B 181 -21.91 -16.56 1.04
CA PRO B 181 -21.04 -16.86 -0.10
C PRO B 181 -19.59 -16.56 0.28
N LEU B 182 -18.64 -17.33 -0.26
CA LEU B 182 -17.23 -17.11 0.06
C LEU B 182 -16.46 -16.63 -1.16
N ASP B 183 -15.33 -16.00 -0.89
CA ASP B 183 -14.46 -15.49 -1.95
C ASP B 183 -13.93 -16.68 -2.75
N MET B 184 -13.75 -16.50 -4.06
CA MET B 184 -13.25 -17.58 -4.91
C MET B 184 -12.19 -17.09 -5.91
N SER B 185 -11.63 -15.91 -5.65
CA SER B 185 -10.63 -15.32 -6.52
C SER B 185 -9.32 -16.11 -6.61
N GLN B 186 -9.10 -17.05 -5.68
CA GLN B 186 -7.87 -17.85 -5.70
C GLN B 186 -8.00 -19.17 -6.46
N TYR B 187 -9.23 -19.61 -6.69
CA TYR B 187 -9.47 -20.90 -7.33
C TYR B 187 -8.80 -21.19 -8.67
N PHE B 188 -8.61 -20.17 -9.51
CA PHE B 188 -8.00 -20.39 -10.80
C PHE B 188 -6.56 -20.91 -10.71
N ARG B 189 -5.85 -20.56 -9.63
CA ARG B 189 -4.47 -21.01 -9.50
C ARG B 189 -4.31 -22.49 -9.17
N LEU B 190 -5.43 -23.21 -9.10
CA LEU B 190 -5.35 -24.63 -8.84
C LEU B 190 -4.66 -25.31 -10.03
N PHE B 191 -4.88 -24.78 -11.22
CA PHE B 191 -4.33 -25.38 -12.43
C PHE B 191 -3.39 -24.55 -13.28
N ASN B 192 -2.53 -25.25 -14.03
CA ASN B 192 -1.56 -24.67 -14.94
C ASN B 192 -0.77 -23.60 -14.20
N SER B 193 -0.57 -23.83 -12.91
CA SER B 193 0.10 -22.84 -12.10
C SER B 193 1.25 -23.38 -11.29
N THR B 194 2.19 -22.49 -10.99
CA THR B 194 3.35 -22.87 -10.21
C THR B 194 4.00 -21.63 -9.63
N ARG B 195 4.91 -21.85 -8.69
CA ARG B 195 5.62 -20.75 -8.06
C ARG B 195 7.02 -20.72 -8.66
N ILE B 196 7.39 -19.57 -9.19
CA ILE B 196 8.68 -19.40 -9.83
C ILE B 196 9.69 -18.74 -8.87
N PRO B 197 10.85 -19.39 -8.66
CA PRO B 197 11.87 -18.83 -7.77
C PRO B 197 12.51 -17.63 -8.44
N ARG B 198 12.61 -16.52 -7.71
CA ARG B 198 13.22 -15.31 -8.21
C ARG B 198 14.04 -14.69 -7.09
N PRO B 199 15.11 -13.97 -7.44
CA PRO B 199 15.97 -13.34 -6.45
C PRO B 199 15.38 -13.08 -5.06
N ASN B 200 14.82 -11.92 -4.81
CA ASN B 200 14.33 -11.67 -3.45
C ASN B 200 12.85 -11.96 -3.16
N ARG B 201 12.07 -12.12 -4.21
CA ARG B 201 10.65 -12.40 -4.08
C ARG B 201 10.21 -13.27 -5.24
N ASP B 202 9.54 -14.38 -4.93
CA ASP B 202 9.08 -15.29 -5.96
C ASP B 202 7.84 -14.76 -6.65
N GLU B 203 7.49 -15.36 -7.78
CA GLU B 203 6.30 -14.92 -8.50
C GLU B 203 5.42 -16.12 -8.83
N LEU B 204 4.12 -15.90 -8.86
CA LEU B 204 3.19 -16.98 -9.19
C LEU B 204 2.96 -16.92 -10.69
N PHE B 205 2.99 -18.08 -11.33
CA PHE B 205 2.82 -18.15 -12.77
C PHE B 205 1.66 -19.05 -13.15
N THR B 206 0.86 -18.62 -14.12
CA THR B 206 -0.28 -19.40 -14.60
C THR B 206 -0.37 -19.32 -16.13
N ASP B 207 -0.58 -20.46 -16.78
CA ASP B 207 -0.72 -20.50 -18.23
C ASP B 207 -1.98 -21.29 -18.55
N THR B 208 -3.10 -20.57 -18.61
CA THR B 208 -4.40 -21.17 -18.86
C THR B 208 -4.52 -21.96 -20.16
N LYS B 209 -3.63 -21.71 -21.11
CA LYS B 209 -3.69 -22.39 -22.40
C LYS B 209 -3.02 -23.76 -22.48
N ALA B 210 -2.20 -24.12 -21.50
CA ALA B 210 -1.54 -25.43 -21.54
C ALA B 210 -2.58 -26.54 -21.34
N ARG B 211 -2.40 -27.67 -22.03
CA ARG B 211 -3.34 -28.79 -21.97
C ARG B 211 -2.73 -30.10 -21.47
N HIS B 212 -1.47 -30.06 -21.06
CA HIS B 212 -0.79 -31.29 -20.64
C HIS B 212 -0.66 -31.50 -19.16
N LEU B 213 -0.50 -32.78 -18.80
CA LEU B 213 -0.31 -33.20 -17.44
C LEU B 213 1.17 -33.51 -17.29
N LEU B 214 1.71 -33.25 -16.11
CA LEU B 214 3.11 -33.57 -15.82
C LEU B 214 3.05 -34.75 -14.87
N VAL B 215 3.77 -35.81 -15.18
CA VAL B 215 3.79 -37.00 -14.33
C VAL B 215 5.21 -37.30 -13.86
N LEU B 216 5.35 -37.58 -12.56
CA LEU B 216 6.66 -37.93 -12.00
C LEU B 216 6.63 -39.38 -11.51
N ARG B 217 7.63 -40.15 -11.94
CA ARG B 217 7.78 -41.53 -11.50
C ARG B 217 9.27 -41.82 -11.43
N LYS B 218 9.73 -42.25 -10.26
CA LYS B 218 11.14 -42.55 -10.04
C LYS B 218 12.05 -41.38 -10.39
N GLY B 219 11.57 -40.16 -10.21
CA GLY B 219 12.38 -39.00 -10.50
C GLY B 219 12.41 -38.59 -11.96
N HIS B 220 11.72 -39.35 -12.82
CA HIS B 220 11.66 -39.04 -14.25
C HIS B 220 10.44 -38.15 -14.53
N PHE B 221 10.57 -37.26 -15.52
CA PHE B 221 9.48 -36.34 -15.88
C PHE B 221 8.83 -36.71 -17.21
N TYR B 222 7.50 -36.87 -17.20
CA TYR B 222 6.75 -37.20 -18.40
C TYR B 222 5.59 -36.22 -18.56
N VAL B 223 5.22 -35.95 -19.81
CA VAL B 223 4.10 -35.08 -20.10
C VAL B 223 3.27 -35.63 -21.25
N PHE B 224 1.95 -35.46 -21.15
CA PHE B 224 1.03 -35.88 -22.21
C PHE B 224 -0.26 -35.10 -22.05
N ASP B 225 -0.98 -34.89 -23.16
CA ASP B 225 -2.23 -34.14 -23.14
C ASP B 225 -3.36 -34.85 -22.42
N VAL B 226 -4.13 -34.09 -21.64
CA VAL B 226 -5.28 -34.62 -20.93
C VAL B 226 -6.51 -33.89 -21.49
N LEU B 227 -6.25 -32.82 -22.22
CA LEU B 227 -7.26 -32.01 -22.89
C LEU B 227 -6.78 -31.86 -24.34
N ASP B 228 -7.66 -32.09 -25.32
CA ASP B 228 -7.24 -31.94 -26.70
C ASP B 228 -7.43 -30.50 -27.19
N GLN B 229 -7.00 -30.23 -28.41
CA GLN B 229 -7.10 -28.89 -28.98
C GLN B 229 -8.54 -28.41 -29.17
N ASP B 230 -9.49 -29.34 -29.09
CA ASP B 230 -10.90 -29.00 -29.25
C ASP B 230 -11.50 -28.60 -27.90
N GLY B 231 -10.72 -28.79 -26.85
CA GLY B 231 -11.18 -28.44 -25.52
C GLY B 231 -11.79 -29.58 -24.73
N ASN B 232 -11.88 -30.76 -25.33
CA ASN B 232 -12.45 -31.92 -24.66
C ASN B 232 -11.40 -32.71 -23.90
N ILE B 233 -11.84 -33.44 -22.89
CA ILE B 233 -10.94 -34.27 -22.10
C ILE B 233 -10.54 -35.47 -22.95
N VAL B 234 -9.25 -35.80 -22.91
CA VAL B 234 -8.76 -36.94 -23.67
C VAL B 234 -9.43 -38.22 -23.18
N ASN B 235 -9.69 -39.13 -24.11
CA ASN B 235 -10.33 -40.40 -23.80
C ASN B 235 -9.70 -41.04 -22.56
N PRO B 236 -10.51 -41.28 -21.52
CA PRO B 236 -10.05 -41.89 -20.26
C PRO B 236 -9.27 -43.18 -20.50
N LEU B 237 -9.62 -43.90 -21.56
CA LEU B 237 -8.95 -45.15 -21.89
C LEU B 237 -7.56 -44.90 -22.50
N GLU B 238 -7.38 -43.72 -23.09
CA GLU B 238 -6.09 -43.35 -23.66
C GLU B 238 -5.23 -42.85 -22.50
N ILE B 239 -5.86 -42.12 -21.59
CA ILE B 239 -5.14 -41.62 -20.42
C ILE B 239 -4.65 -42.84 -19.64
N GLN B 240 -5.51 -43.84 -19.52
CA GLN B 240 -5.16 -45.08 -18.82
C GLN B 240 -3.96 -45.73 -19.51
N ALA B 241 -3.99 -45.77 -20.84
CA ALA B 241 -2.91 -46.35 -21.61
C ALA B 241 -1.60 -45.63 -21.37
N HIS B 242 -1.62 -44.30 -21.41
CA HIS B 242 -0.40 -43.51 -21.19
C HIS B 242 0.17 -43.68 -19.79
N LEU B 243 -0.71 -43.79 -18.79
CA LEU B 243 -0.25 -43.97 -17.41
C LEU B 243 0.32 -45.38 -17.24
N LYS B 244 -0.30 -46.35 -17.91
CA LYS B 244 0.18 -47.74 -17.86
C LYS B 244 1.58 -47.76 -18.49
N TYR B 245 1.73 -47.03 -19.59
CA TYR B 245 3.00 -46.94 -20.30
C TYR B 245 4.08 -46.41 -19.36
N ILE B 246 3.78 -45.32 -18.67
CA ILE B 246 4.72 -44.70 -17.74
C ILE B 246 5.02 -45.64 -16.58
N LEU B 247 4.00 -46.35 -16.11
CA LEU B 247 4.16 -47.29 -15.02
C LEU B 247 5.01 -48.50 -15.40
N SER B 248 5.11 -48.77 -16.70
CA SER B 248 5.90 -49.90 -17.19
C SER B 248 7.36 -49.52 -17.44
N ASP B 249 7.69 -48.23 -17.34
CA ASP B 249 9.07 -47.79 -17.56
C ASP B 249 9.98 -48.48 -16.54
N SER B 250 11.04 -49.13 -17.02
CA SER B 250 11.95 -49.82 -16.11
C SER B 250 13.20 -49.02 -15.76
N SER B 251 13.34 -47.83 -16.33
CA SER B 251 14.50 -46.98 -16.07
C SER B 251 14.68 -46.71 -14.58
N PRO B 252 15.91 -46.85 -14.07
CA PRO B 252 16.18 -46.61 -12.65
C PRO B 252 16.18 -45.11 -12.34
N VAL B 253 16.10 -44.78 -11.06
CA VAL B 253 16.10 -43.38 -10.63
C VAL B 253 17.34 -42.66 -11.17
N PRO B 254 17.19 -41.42 -11.66
CA PRO B 254 18.39 -40.75 -12.16
C PRO B 254 19.41 -40.48 -11.06
N GLU B 255 20.68 -40.42 -11.44
CA GLU B 255 21.75 -40.15 -10.48
C GLU B 255 21.59 -38.76 -9.90
N PHE B 256 20.94 -37.87 -10.66
CA PHE B 256 20.73 -36.50 -10.20
C PHE B 256 19.28 -36.06 -10.42
N PRO B 257 18.37 -36.45 -9.52
CA PRO B 257 16.95 -36.09 -9.61
C PRO B 257 16.77 -34.59 -9.52
N VAL B 258 16.30 -33.98 -10.60
CA VAL B 258 16.12 -32.54 -10.64
C VAL B 258 15.09 -32.02 -9.63
N ALA B 259 14.08 -32.83 -9.32
CA ALA B 259 13.05 -32.42 -8.37
C ALA B 259 13.64 -31.91 -7.05
N TYR B 260 14.82 -32.39 -6.67
CA TYR B 260 15.44 -31.94 -5.43
C TYR B 260 15.57 -30.41 -5.36
N LEU B 261 15.80 -29.76 -6.49
CA LEU B 261 16.00 -28.31 -6.51
C LEU B 261 14.82 -27.50 -5.97
N THR B 262 13.60 -27.99 -6.15
CA THR B 262 12.44 -27.26 -5.67
C THR B 262 12.34 -27.20 -4.15
N SER B 263 13.20 -27.94 -3.45
CA SER B 263 13.19 -27.95 -1.99
C SER B 263 14.25 -27.02 -1.41
N GLU B 264 15.03 -26.39 -2.27
CA GLU B 264 16.09 -25.49 -1.83
C GLU B 264 15.64 -24.11 -1.36
N ASN B 265 16.58 -23.41 -0.71
CA ASN B 265 16.39 -22.04 -0.27
C ASN B 265 15.97 -21.34 -1.57
N ARG B 266 15.03 -20.40 -1.51
CA ARG B 266 14.55 -19.75 -2.73
C ARG B 266 15.55 -18.91 -3.51
N ASP B 267 16.53 -18.32 -2.82
CA ASP B 267 17.54 -17.54 -3.54
C ASP B 267 18.48 -18.52 -4.26
N VAL B 268 18.79 -19.63 -3.62
CA VAL B 268 19.65 -20.64 -4.21
C VAL B 268 19.00 -21.26 -5.44
N TRP B 269 17.72 -21.60 -5.30
CA TRP B 269 16.94 -22.20 -6.39
C TRP B 269 16.75 -21.19 -7.52
N ALA B 270 16.51 -19.93 -7.18
CA ALA B 270 16.34 -18.92 -8.21
C ALA B 270 17.58 -18.86 -9.11
N GLU B 271 18.76 -18.92 -8.51
CA GLU B 271 20.00 -18.86 -9.29
C GLU B 271 20.21 -20.14 -10.12
N LEU B 272 19.94 -21.29 -9.53
CA LEU B 272 20.11 -22.55 -10.25
C LEU B 272 19.09 -22.70 -11.39
N ARG B 273 17.89 -22.15 -11.20
CA ARG B 273 16.89 -22.25 -12.26
C ARG B 273 17.34 -21.41 -13.44
N GLN B 274 17.95 -20.27 -13.15
CA GLN B 274 18.44 -19.38 -14.20
C GLN B 274 19.55 -20.06 -15.01
N LYS B 275 20.41 -20.82 -14.33
CA LYS B 275 21.49 -21.52 -15.01
C LYS B 275 20.91 -22.64 -15.87
N LEU B 276 19.91 -23.32 -15.33
CA LEU B 276 19.25 -24.39 -16.03
C LEU B 276 18.69 -23.82 -17.34
N ILE B 277 18.13 -22.62 -17.25
CA ILE B 277 17.57 -21.94 -18.41
C ILE B 277 18.66 -21.69 -19.45
N PHE B 278 19.75 -21.07 -19.01
CA PHE B 278 20.87 -20.76 -19.89
C PHE B 278 21.52 -21.99 -20.50
N ASP B 279 21.29 -23.15 -19.89
CA ASP B 279 21.85 -24.38 -20.40
C ASP B 279 20.91 -25.08 -21.37
N GLY B 280 20.01 -24.29 -21.98
CA GLY B 280 19.08 -24.81 -22.95
C GLY B 280 17.92 -25.66 -22.44
N ASN B 281 17.43 -25.35 -21.24
CA ASN B 281 16.32 -26.11 -20.67
C ASN B 281 15.04 -25.30 -20.53
N GLU B 282 15.01 -24.15 -21.19
CA GLU B 282 13.84 -23.27 -21.14
C GLU B 282 12.54 -23.96 -21.57
N GLU B 283 12.59 -24.63 -22.72
CA GLU B 283 11.41 -25.31 -23.24
C GLU B 283 10.93 -26.38 -22.26
N THR B 284 11.88 -27.12 -21.70
CA THR B 284 11.56 -28.17 -20.75
C THR B 284 10.92 -27.59 -19.49
N LEU B 285 11.52 -26.55 -18.93
CA LEU B 285 10.99 -25.91 -17.73
C LEU B 285 9.63 -25.28 -18.00
N LYS B 286 9.40 -24.84 -19.24
CA LYS B 286 8.13 -24.24 -19.62
C LYS B 286 7.02 -25.30 -19.52
N LYS B 287 7.34 -26.53 -19.95
CA LYS B 287 6.38 -27.62 -19.89
C LYS B 287 6.08 -27.98 -18.45
N VAL B 288 7.10 -28.01 -17.62
CA VAL B 288 6.89 -28.33 -16.21
C VAL B 288 6.02 -27.28 -15.52
N ASP B 289 6.38 -26.01 -15.67
CA ASP B 289 5.64 -24.92 -15.02
C ASP B 289 4.16 -24.82 -15.41
N SER B 290 3.84 -25.07 -16.67
CA SER B 290 2.48 -24.91 -17.17
C SER B 290 1.52 -26.11 -17.16
N ALA B 291 2.00 -27.27 -16.74
CA ALA B 291 1.14 -28.46 -16.71
C ALA B 291 -0.09 -28.19 -15.84
N VAL B 292 -1.22 -28.82 -16.18
CA VAL B 292 -2.45 -28.59 -15.42
C VAL B 292 -2.15 -28.78 -13.94
N PHE B 293 -1.35 -29.78 -13.64
CA PHE B 293 -0.90 -30.07 -12.27
C PHE B 293 0.12 -31.19 -12.34
N CYS B 294 0.61 -31.64 -11.19
CA CYS B 294 1.62 -32.71 -11.19
C CYS B 294 1.11 -33.99 -10.54
N LEU B 295 1.13 -35.09 -11.29
CA LEU B 295 0.70 -36.40 -10.80
C LEU B 295 1.97 -37.17 -10.47
N CYS B 296 2.09 -37.61 -9.22
CA CYS B 296 3.27 -38.34 -8.76
C CYS B 296 2.93 -39.80 -8.50
N LEU B 297 3.57 -40.69 -9.23
CA LEU B 297 3.32 -42.12 -9.06
C LEU B 297 4.45 -42.75 -8.25
N ASP B 298 4.20 -43.02 -6.98
CA ASP B 298 5.22 -43.65 -6.13
C ASP B 298 5.14 -45.16 -6.34
N ASP B 299 6.29 -45.82 -6.35
CA ASP B 299 6.32 -47.25 -6.60
C ASP B 299 6.43 -48.13 -5.35
N PHE B 300 5.77 -47.72 -4.28
CA PHE B 300 5.77 -48.47 -3.04
C PHE B 300 4.48 -48.24 -2.28
N PRO B 301 4.05 -49.21 -1.47
CA PRO B 301 2.82 -49.10 -0.70
C PRO B 301 3.07 -48.38 0.63
N MET B 302 2.01 -48.00 1.31
CA MET B 302 2.16 -47.32 2.59
C MET B 302 2.30 -48.36 3.70
N LYS B 303 3.39 -48.27 4.46
CA LYS B 303 3.65 -49.20 5.56
C LYS B 303 2.71 -48.97 6.74
N ASP B 304 2.44 -47.70 7.04
CA ASP B 304 1.55 -47.31 8.13
C ASP B 304 1.23 -45.82 8.04
N LEU B 305 0.41 -45.32 8.96
CA LEU B 305 0.02 -43.91 8.93
C LEU B 305 1.19 -42.93 9.02
N ILE B 306 2.25 -43.33 9.74
CA ILE B 306 3.42 -42.49 9.89
C ILE B 306 4.19 -42.41 8.58
N HIS B 307 4.31 -43.55 7.91
CA HIS B 307 5.00 -43.63 6.63
C HIS B 307 4.19 -42.84 5.60
N LEU B 308 2.87 -42.97 5.67
CA LEU B 308 1.99 -42.25 4.75
C LEU B 308 2.20 -40.75 4.93
N SER B 309 2.15 -40.29 6.18
CA SER B 309 2.33 -38.88 6.48
C SER B 309 3.66 -38.34 5.95
N HIS B 310 4.74 -39.06 6.18
CA HIS B 310 6.04 -38.59 5.70
C HIS B 310 6.05 -38.54 4.17
N THR B 311 5.52 -39.59 3.55
CA THR B 311 5.48 -39.66 2.09
C THR B 311 4.74 -38.49 1.44
N MET B 312 3.58 -38.13 2.00
CA MET B 312 2.79 -37.04 1.43
C MET B 312 3.27 -35.66 1.84
N LEU B 313 3.88 -35.54 3.01
CA LEU B 313 4.36 -34.25 3.48
C LEU B 313 5.64 -33.83 2.77
N HIS B 314 6.53 -34.79 2.52
CA HIS B 314 7.80 -34.48 1.86
C HIS B 314 8.36 -35.54 0.90
N GLY B 315 8.16 -36.81 1.20
CA GLY B 315 8.67 -37.86 0.34
C GLY B 315 10.18 -37.94 0.42
N ASP B 316 10.83 -38.62 -0.51
CA ASP B 316 12.29 -38.73 -0.48
C ASP B 316 13.00 -37.60 -1.22
N GLY B 317 12.24 -36.66 -1.74
CA GLY B 317 12.84 -35.54 -2.45
C GLY B 317 13.05 -35.70 -3.94
N THR B 318 12.83 -36.90 -4.45
CA THR B 318 13.03 -37.15 -5.88
C THR B 318 11.79 -37.14 -6.75
N ASN B 319 10.62 -37.35 -6.14
CA ASN B 319 9.39 -37.47 -6.91
C ASN B 319 8.26 -36.48 -6.62
N ARG B 320 8.61 -35.22 -6.33
CA ARG B 320 7.62 -34.18 -6.07
C ARG B 320 8.15 -32.88 -6.64
N TRP B 321 7.33 -32.16 -7.41
CA TRP B 321 7.76 -30.86 -7.93
C TRP B 321 7.07 -29.91 -6.98
N PHE B 322 7.74 -29.61 -5.87
CA PHE B 322 7.21 -28.78 -4.80
C PHE B 322 6.63 -27.42 -5.16
N ASP B 323 7.14 -26.80 -6.23
CA ASP B 323 6.67 -25.49 -6.67
C ASP B 323 5.28 -25.47 -7.30
N LYS B 324 4.83 -26.61 -7.85
CA LYS B 324 3.54 -26.68 -8.51
C LYS B 324 2.38 -26.32 -7.56
N SER B 325 1.30 -25.78 -8.11
CA SER B 325 0.14 -25.41 -7.29
C SER B 325 -0.17 -26.60 -6.39
N PHE B 326 -0.11 -27.80 -6.95
CA PHE B 326 -0.33 -28.99 -6.14
C PHE B 326 0.17 -30.25 -6.84
N ASN B 327 0.49 -31.25 -6.02
CA ASN B 327 0.95 -32.54 -6.48
C ASN B 327 -0.10 -33.55 -6.04
N LEU B 328 -0.62 -34.31 -6.98
CA LEU B 328 -1.59 -35.35 -6.69
C LEU B 328 -0.74 -36.62 -6.67
N ILE B 329 -0.68 -37.25 -5.49
CA ILE B 329 0.13 -38.44 -5.30
C ILE B 329 -0.70 -39.71 -5.20
N VAL B 330 -0.27 -40.75 -5.93
CA VAL B 330 -0.97 -42.03 -5.90
C VAL B 330 0.10 -43.12 -5.74
N ALA B 331 0.08 -43.78 -4.59
CA ALA B 331 1.03 -44.84 -4.26
C ALA B 331 0.65 -46.16 -4.93
N GLU B 332 1.56 -47.12 -4.85
CA GLU B 332 1.37 -48.44 -5.46
C GLU B 332 0.18 -49.15 -4.82
N ASP B 333 -0.12 -48.70 -3.62
CA ASP B 333 -1.19 -49.19 -2.76
C ASP B 333 -2.54 -48.58 -3.14
N GLY B 334 -2.50 -47.53 -3.97
CA GLY B 334 -3.73 -46.87 -4.36
C GLY B 334 -3.96 -45.69 -3.43
N THR B 335 -3.17 -45.61 -2.36
CA THR B 335 -3.28 -44.51 -1.40
C THR B 335 -2.99 -43.22 -2.15
N ALA B 336 -3.92 -42.28 -2.03
CA ALA B 336 -3.79 -41.02 -2.74
C ALA B 336 -3.84 -39.82 -1.81
N ALA B 337 -3.20 -38.74 -2.23
CA ALA B 337 -3.17 -37.53 -1.43
C ALA B 337 -2.80 -36.33 -2.28
N VAL B 338 -2.98 -35.14 -1.71
CA VAL B 338 -2.62 -33.92 -2.39
C VAL B 338 -1.67 -33.15 -1.50
N HIS B 339 -0.52 -32.83 -2.07
CA HIS B 339 0.50 -32.06 -1.39
C HIS B 339 0.42 -30.75 -2.17
N PHE B 340 0.27 -29.61 -1.49
CA PHE B 340 0.16 -28.37 -2.25
C PHE B 340 1.02 -27.22 -1.77
N GLU B 341 1.31 -26.31 -2.71
CA GLU B 341 2.14 -25.15 -2.44
C GLU B 341 1.32 -24.11 -1.68
N HIS B 342 1.84 -23.72 -0.51
CA HIS B 342 1.19 -22.79 0.40
C HIS B 342 0.93 -21.35 -0.01
N SER B 343 1.87 -20.74 -0.74
CA SER B 343 1.77 -19.33 -1.09
C SER B 343 0.64 -18.81 -1.96
N TRP B 344 0.12 -19.60 -2.88
CA TRP B 344 -0.92 -19.10 -3.76
C TRP B 344 -2.34 -18.92 -3.22
N GLY B 345 -2.62 -19.46 -2.04
CA GLY B 345 -3.96 -19.31 -1.50
C GLY B 345 -4.10 -19.84 -0.08
N ASP B 346 -5.33 -19.80 0.42
CA ASP B 346 -5.58 -20.25 1.78
C ASP B 346 -6.05 -21.70 1.90
N GLY B 347 -5.95 -22.44 0.80
CA GLY B 347 -6.32 -23.84 0.83
C GLY B 347 -7.79 -24.19 0.73
N VAL B 348 -8.68 -23.20 0.76
CA VAL B 348 -10.11 -23.49 0.65
C VAL B 348 -10.38 -24.07 -0.74
N ALA B 349 -9.73 -23.52 -1.75
CA ALA B 349 -9.89 -24.00 -3.12
C ALA B 349 -9.43 -25.46 -3.21
N VAL B 350 -8.36 -25.78 -2.50
CA VAL B 350 -7.83 -27.14 -2.50
C VAL B 350 -8.81 -28.12 -1.85
N LEU B 351 -9.45 -27.69 -0.77
CA LEU B 351 -10.41 -28.54 -0.09
C LEU B 351 -11.64 -28.77 -0.97
N ARG B 352 -12.07 -27.74 -1.68
CA ARG B 352 -13.23 -27.87 -2.57
C ARG B 352 -12.87 -28.87 -3.67
N PHE B 353 -11.69 -28.65 -4.27
CA PHE B 353 -11.16 -29.52 -5.32
C PHE B 353 -11.15 -30.94 -4.78
N PHE B 354 -10.56 -31.09 -3.60
CA PHE B 354 -10.43 -32.35 -2.90
C PHE B 354 -11.76 -33.08 -2.73
N ASN B 355 -12.76 -32.39 -2.20
CA ASN B 355 -14.08 -32.99 -1.97
C ASN B 355 -14.81 -33.36 -3.27
N GLU B 356 -14.73 -32.49 -4.28
CA GLU B 356 -15.39 -32.75 -5.54
C GLU B 356 -14.74 -33.91 -6.30
N VAL B 357 -13.41 -33.97 -6.25
CA VAL B 357 -12.69 -35.04 -6.94
C VAL B 357 -12.94 -36.39 -6.27
N PHE B 358 -13.02 -36.40 -4.94
CA PHE B 358 -13.27 -37.65 -4.24
C PHE B 358 -14.66 -38.15 -4.58
N ARG B 359 -15.63 -37.25 -4.58
CA ARG B 359 -17.00 -37.62 -4.87
C ARG B 359 -17.15 -38.13 -6.30
N ASP B 360 -16.63 -37.38 -7.25
CA ASP B 360 -16.74 -37.75 -8.65
C ASP B 360 -16.00 -39.04 -9.02
N SER B 361 -14.81 -39.23 -8.49
CA SER B 361 -14.01 -40.41 -8.81
C SER B 361 -14.52 -41.69 -8.16
N THR B 362 -15.26 -41.56 -7.06
CA THR B 362 -15.79 -42.73 -6.36
C THR B 362 -17.24 -43.03 -6.72
N GLN B 363 -18.01 -42.00 -7.06
CA GLN B 363 -19.41 -42.20 -7.42
C GLN B 363 -19.61 -42.37 -8.92
N THR B 364 -18.76 -41.74 -9.72
CA THR B 364 -18.87 -41.85 -11.16
C THR B 364 -17.49 -41.95 -11.80
N PRO B 365 -16.75 -43.02 -11.48
CA PRO B 365 -15.40 -43.27 -12.00
C PRO B 365 -15.37 -43.27 -13.53
N ALA B 366 -14.29 -42.76 -14.11
CA ALA B 366 -14.15 -42.71 -15.56
C ALA B 366 -13.92 -44.11 -16.12
N ILE B 367 -13.15 -44.92 -15.40
CA ILE B 367 -12.87 -46.28 -15.84
C ILE B 367 -13.01 -47.22 -14.66
N THR B 368 -13.02 -48.53 -14.96
CA THR B 368 -13.14 -49.55 -13.93
C THR B 368 -11.87 -50.39 -13.99
N PRO B 369 -11.68 -51.27 -13.00
CA PRO B 369 -10.45 -52.09 -13.05
C PRO B 369 -10.49 -53.13 -14.17
N GLN B 370 -11.63 -53.22 -14.87
CA GLN B 370 -11.75 -54.16 -15.99
C GLN B 370 -11.68 -53.43 -17.32
N SER B 371 -11.56 -52.11 -17.27
CA SER B 371 -11.47 -51.33 -18.50
C SER B 371 -10.19 -51.67 -19.25
N GLN B 372 -10.30 -51.80 -20.57
CA GLN B 372 -9.15 -52.12 -21.40
C GLN B 372 -8.55 -50.85 -21.97
N PRO B 373 -7.27 -50.58 -21.67
CA PRO B 373 -6.63 -49.36 -22.20
C PRO B 373 -6.75 -49.30 -23.71
N ALA B 374 -7.06 -48.12 -24.23
CA ALA B 374 -7.22 -47.93 -25.66
C ALA B 374 -5.94 -48.23 -26.41
N ALA B 375 -6.08 -48.61 -27.67
CA ALA B 375 -4.91 -48.89 -28.50
C ALA B 375 -4.39 -47.53 -28.93
N THR B 376 -3.14 -47.24 -28.60
CA THR B 376 -2.56 -45.95 -28.96
C THR B 376 -1.05 -46.01 -28.82
N ASN B 377 -0.36 -45.15 -29.57
CA ASN B 377 1.09 -45.11 -29.51
C ASN B 377 1.54 -44.19 -28.38
N SER B 378 1.55 -44.74 -27.16
CA SER B 378 1.94 -43.98 -25.99
C SER B 378 3.37 -43.45 -26.05
N SER B 379 4.26 -44.18 -26.71
CA SER B 379 5.64 -43.73 -26.83
C SER B 379 5.66 -42.39 -27.58
N ALA B 380 4.71 -42.21 -28.48
CA ALA B 380 4.64 -40.97 -29.27
C ALA B 380 3.83 -39.88 -28.56
N SER B 381 2.83 -40.29 -27.79
CA SER B 381 1.98 -39.33 -27.08
C SER B 381 2.58 -38.87 -25.75
N VAL B 382 3.44 -39.69 -25.17
CA VAL B 382 4.07 -39.36 -23.90
C VAL B 382 5.51 -38.96 -24.13
N GLU B 383 5.84 -37.73 -23.79
CA GLU B 383 7.21 -37.25 -23.95
C GLU B 383 7.96 -37.33 -22.62
N THR B 384 9.13 -37.97 -22.65
CA THR B 384 9.96 -38.06 -21.46
C THR B 384 10.84 -36.81 -21.48
N LEU B 385 10.64 -35.91 -20.53
CA LEU B 385 11.43 -34.67 -20.51
C LEU B 385 12.88 -34.93 -20.16
N SER B 386 13.78 -34.17 -20.80
CA SER B 386 15.21 -34.32 -20.54
C SER B 386 15.81 -32.97 -20.11
N PHE B 387 16.72 -33.02 -19.15
CA PHE B 387 17.38 -31.83 -18.64
C PHE B 387 18.87 -31.88 -18.96
N ASN B 388 19.42 -30.78 -19.47
CA ASN B 388 20.85 -30.74 -19.75
C ASN B 388 21.46 -30.20 -18.46
N LEU B 389 22.12 -31.09 -17.71
CA LEU B 389 22.71 -30.71 -16.44
C LEU B 389 24.21 -30.51 -16.51
N SER B 390 24.65 -29.31 -16.17
CA SER B 390 26.07 -28.99 -16.16
C SER B 390 26.65 -29.48 -14.85
N GLY B 391 27.97 -29.32 -14.69
CA GLY B 391 28.62 -29.74 -13.46
C GLY B 391 28.09 -28.94 -12.28
N ALA B 392 27.83 -27.66 -12.50
CA ALA B 392 27.32 -26.79 -11.45
C ALA B 392 25.93 -27.22 -11.00
N LEU B 393 25.12 -27.67 -11.95
CA LEU B 393 23.77 -28.11 -11.65
C LEU B 393 23.81 -29.44 -10.89
N LYS B 394 24.69 -30.34 -11.30
CA LYS B 394 24.79 -31.62 -10.61
C LYS B 394 25.23 -31.34 -9.18
N ALA B 395 26.17 -30.41 -9.03
CA ALA B 395 26.66 -30.04 -7.71
C ALA B 395 25.51 -29.44 -6.91
N GLY B 396 24.68 -28.63 -7.57
CA GLY B 396 23.54 -28.01 -6.90
C GLY B 396 22.51 -29.03 -6.47
N ILE B 397 22.30 -30.06 -7.29
CA ILE B 397 21.33 -31.10 -6.97
C ILE B 397 21.84 -31.89 -5.77
N THR B 398 23.15 -32.14 -5.75
CA THR B 398 23.75 -32.87 -4.64
C THR B 398 23.59 -32.07 -3.36
N ALA B 399 23.86 -30.77 -3.41
CA ALA B 399 23.74 -29.92 -2.23
C ALA B 399 22.28 -29.84 -1.77
N ALA B 400 21.36 -29.77 -2.72
CA ALA B 400 19.94 -29.70 -2.39
C ALA B 400 19.52 -30.98 -1.66
N LYS B 401 20.01 -32.12 -2.13
CA LYS B 401 19.70 -33.39 -1.51
C LYS B 401 20.21 -33.47 -0.08
N GLU B 402 21.46 -33.05 0.14
CA GLU B 402 22.03 -33.07 1.48
C GLU B 402 21.21 -32.23 2.44
N LYS B 403 20.80 -31.05 1.97
CA LYS B 403 20.02 -30.13 2.77
C LYS B 403 18.67 -30.76 3.11
N PHE B 404 18.03 -31.33 2.09
CA PHE B 404 16.75 -31.98 2.22
C PHE B 404 16.82 -33.14 3.23
N ASP B 405 17.77 -34.05 3.04
CA ASP B 405 17.90 -35.20 3.94
C ASP B 405 18.22 -34.78 5.36
N THR B 406 19.06 -33.76 5.51
CA THR B 406 19.43 -33.28 6.84
C THR B 406 18.23 -32.76 7.62
N THR B 407 17.39 -31.97 6.95
CA THR B 407 16.21 -31.40 7.59
C THR B 407 15.15 -32.45 7.85
N VAL B 408 14.83 -33.22 6.81
CA VAL B 408 13.81 -34.25 6.91
C VAL B 408 14.07 -35.27 8.01
N LYS B 409 15.34 -35.54 8.29
CA LYS B 409 15.68 -36.52 9.30
C LYS B 409 15.40 -36.05 10.73
N THR B 410 15.10 -34.77 10.89
CA THR B 410 14.80 -34.22 12.22
C THR B 410 13.30 -34.20 12.48
N LEU B 411 12.51 -34.55 11.47
CA LEU B 411 11.06 -34.53 11.55
C LEU B 411 10.44 -35.84 12.03
N SER B 412 9.51 -35.73 12.98
CA SER B 412 8.78 -36.90 13.50
C SER B 412 7.30 -36.58 13.37
N ILE B 413 6.51 -37.60 13.07
CA ILE B 413 5.06 -37.44 12.92
C ILE B 413 4.36 -38.65 13.50
N ASP B 414 3.22 -38.43 14.14
CA ASP B 414 2.46 -39.54 14.69
C ASP B 414 1.02 -39.11 14.89
N SER B 415 0.12 -40.07 15.09
CA SER B 415 -1.28 -39.75 15.26
C SER B 415 -1.96 -40.55 16.36
N ILE B 416 -3.16 -40.12 16.71
CA ILE B 416 -3.96 -40.81 17.71
C ILE B 416 -5.39 -40.76 17.25
N GLN B 417 -6.17 -41.73 17.72
CA GLN B 417 -7.57 -41.81 17.40
C GLN B 417 -8.27 -42.06 18.73
N PHE B 418 -8.76 -40.97 19.34
CA PHE B 418 -9.48 -41.02 20.61
C PHE B 418 -10.86 -41.58 20.26
N GLN B 419 -11.13 -42.81 20.67
CA GLN B 419 -12.39 -43.45 20.32
C GLN B 419 -13.48 -43.42 21.38
N ARG B 420 -13.19 -42.82 22.52
CA ARG B 420 -14.17 -42.75 23.59
C ARG B 420 -15.38 -41.87 23.25
N GLY B 421 -15.17 -40.86 22.40
CA GLY B 421 -16.27 -39.99 22.04
C GLY B 421 -15.85 -38.82 21.19
N GLY B 422 -16.84 -38.01 20.78
CA GLY B 422 -16.55 -36.86 19.95
C GLY B 422 -17.57 -35.74 20.06
N LYS B 423 -17.98 -35.23 18.90
CA LYS B 423 -18.94 -34.13 18.82
C LYS B 423 -20.26 -34.33 19.56
N GLU B 424 -20.88 -35.50 19.39
CA GLU B 424 -22.17 -35.78 20.02
C GLU B 424 -22.13 -35.72 21.54
N PHE B 425 -21.16 -36.41 22.14
CA PHE B 425 -21.03 -36.39 23.59
C PHE B 425 -20.80 -34.98 24.12
N LEU B 426 -19.84 -34.29 23.52
CA LEU B 426 -19.49 -32.93 23.91
C LEU B 426 -20.62 -31.93 23.71
N LYS B 427 -21.37 -32.07 22.62
CA LYS B 427 -22.47 -31.15 22.38
C LYS B 427 -23.58 -31.34 23.40
N LYS B 428 -23.74 -32.56 23.91
CA LYS B 428 -24.74 -32.83 24.92
C LYS B 428 -24.31 -32.20 26.24
N LYS B 429 -23.00 -32.02 26.40
CA LYS B 429 -22.47 -31.41 27.61
C LYS B 429 -22.40 -29.90 27.45
N GLN B 430 -23.05 -29.39 26.40
CA GLN B 430 -23.07 -27.95 26.13
C GLN B 430 -21.69 -27.35 25.91
N LEU B 431 -20.81 -28.08 25.25
CA LEU B 431 -19.46 -27.59 25.00
C LEU B 431 -19.10 -27.60 23.52
N SER B 432 -18.25 -26.66 23.11
CA SER B 432 -17.79 -26.59 21.73
C SER B 432 -16.72 -27.67 21.58
N PRO B 433 -16.91 -28.59 20.65
CA PRO B 433 -15.87 -29.62 20.52
C PRO B 433 -14.50 -29.05 20.12
N ASP B 434 -14.49 -27.96 19.34
CA ASP B 434 -13.21 -27.36 18.94
C ASP B 434 -12.50 -26.80 20.17
N ALA B 435 -13.27 -26.16 21.05
CA ALA B 435 -12.71 -25.60 22.27
C ALA B 435 -12.10 -26.71 23.13
N VAL B 436 -12.80 -27.85 23.21
CA VAL B 436 -12.31 -28.97 24.00
C VAL B 436 -11.00 -29.53 23.47
N ALA B 437 -10.89 -29.63 22.14
CA ALA B 437 -9.67 -30.15 21.53
C ALA B 437 -8.52 -29.19 21.83
N GLN B 438 -8.77 -27.89 21.73
CA GLN B 438 -7.73 -26.90 22.00
C GLN B 438 -7.33 -26.94 23.47
N LEU B 439 -8.31 -27.14 24.35
CA LEU B 439 -8.03 -27.22 25.79
C LEU B 439 -7.11 -28.41 26.05
N ALA B 440 -7.39 -29.52 25.38
CA ALA B 440 -6.56 -30.72 25.54
C ALA B 440 -5.11 -30.43 25.14
N PHE B 441 -4.90 -29.70 24.05
CA PHE B 441 -3.55 -29.37 23.61
C PHE B 441 -2.85 -28.54 24.67
N GLN B 442 -3.56 -27.56 25.22
CA GLN B 442 -3.00 -26.70 26.25
C GLN B 442 -2.63 -27.53 27.48
N MET B 443 -3.57 -28.37 27.90
CA MET B 443 -3.38 -29.22 29.07
C MET B 443 -2.24 -30.21 28.85
N ALA B 444 -2.19 -30.80 27.65
CA ALA B 444 -1.14 -31.77 27.35
C ALA B 444 0.24 -31.11 27.38
N PHE B 445 0.35 -29.89 26.86
CA PHE B 445 1.62 -29.19 26.86
C PHE B 445 2.06 -28.85 28.29
N LEU B 446 1.11 -28.45 29.14
CA LEU B 446 1.45 -28.11 30.51
C LEU B 446 1.96 -29.35 31.24
N ARG B 447 1.30 -30.48 31.02
CA ARG B 447 1.72 -31.70 31.67
C ARG B 447 3.08 -32.18 31.18
N GLN B 448 3.33 -32.03 29.89
CA GLN B 448 4.59 -32.47 29.29
C GLN B 448 5.77 -31.52 29.49
N TYR B 449 5.54 -30.22 29.39
CA TYR B 449 6.63 -29.24 29.53
C TYR B 449 6.46 -28.24 30.66
N GLY B 450 5.33 -28.30 31.35
CA GLY B 450 5.11 -27.39 32.46
C GLY B 450 5.01 -25.91 32.15
N GLN B 451 4.49 -25.57 30.97
CA GLN B 451 4.34 -24.17 30.61
C GLN B 451 3.17 -23.88 29.69
N THR B 452 2.87 -22.59 29.53
CA THR B 452 1.81 -22.11 28.64
C THR B 452 2.55 -21.39 27.54
N VAL B 453 2.28 -21.73 26.29
CA VAL B 453 3.01 -21.12 25.19
C VAL B 453 2.12 -20.53 24.11
N ALA B 454 2.74 -19.75 23.21
CA ALA B 454 2.02 -19.13 22.10
C ALA B 454 1.35 -20.24 21.30
N THR B 455 0.07 -20.05 21.04
CA THR B 455 -0.73 -21.02 20.32
C THR B 455 -1.48 -20.34 19.18
N TYR B 456 -1.53 -21.03 18.05
CA TYR B 456 -2.17 -20.50 16.85
C TYR B 456 -3.18 -21.51 16.32
N GLU B 457 -4.36 -21.03 15.97
CA GLU B 457 -5.40 -21.87 15.37
C GLU B 457 -5.89 -21.11 14.16
N SER B 458 -5.85 -21.76 13.01
CA SER B 458 -6.26 -21.15 11.76
C SER B 458 -7.78 -20.96 11.68
N CYS B 459 -8.19 -19.85 11.07
CA CYS B 459 -9.60 -19.54 10.88
C CYS B 459 -9.73 -18.76 9.59
N SER B 460 -10.84 -18.96 8.88
CA SER B 460 -11.04 -18.31 7.59
C SER B 460 -11.89 -17.04 7.58
N THR B 461 -11.42 -16.04 6.84
CA THR B 461 -12.18 -14.81 6.69
C THR B 461 -12.61 -14.73 5.23
N ALA B 462 -12.78 -15.91 4.61
CA ALA B 462 -13.18 -15.99 3.21
C ALA B 462 -14.60 -15.53 2.95
N ALA B 463 -15.30 -15.11 4.01
CA ALA B 463 -16.67 -14.62 3.87
C ALA B 463 -16.62 -13.20 3.29
N PHE B 464 -15.43 -12.64 3.26
CA PHE B 464 -15.25 -11.28 2.76
C PHE B 464 -14.50 -11.21 1.43
N LYS B 465 -14.62 -10.08 0.74
CA LYS B 465 -13.95 -9.87 -0.54
C LYS B 465 -12.45 -10.00 -0.32
N HIS B 466 -11.84 -10.90 -1.10
CA HIS B 466 -10.41 -11.19 -1.00
C HIS B 466 -10.03 -11.51 0.43
N GLY B 467 -10.96 -12.18 1.12
CA GLY B 467 -10.73 -12.59 2.49
C GLY B 467 -9.67 -13.67 2.53
N ARG B 468 -8.96 -13.76 3.64
CA ARG B 468 -7.89 -14.75 3.78
C ARG B 468 -8.09 -15.58 5.04
N THR B 469 -7.22 -15.41 6.02
CA THR B 469 -7.32 -16.13 7.28
C THR B 469 -7.06 -15.17 8.42
N GLU B 470 -7.50 -15.56 9.61
CA GLU B 470 -7.28 -14.78 10.81
C GLU B 470 -6.84 -15.76 11.88
N THR B 471 -6.10 -15.29 12.87
CA THR B 471 -5.62 -16.16 13.92
C THR B 471 -6.55 -16.23 15.14
N ILE B 472 -6.94 -17.44 15.52
CA ILE B 472 -7.73 -17.61 16.74
C ILE B 472 -6.64 -17.91 17.76
N ARG B 473 -6.68 -17.24 18.92
CA ARG B 473 -5.69 -17.47 19.97
C ARG B 473 -6.37 -18.29 21.08
N PRO B 474 -6.25 -19.62 21.00
CA PRO B 474 -6.88 -20.48 22.01
C PRO B 474 -6.28 -20.53 23.41
N ALA B 475 -5.03 -20.08 23.57
CA ALA B 475 -4.46 -20.09 24.92
C ALA B 475 -4.99 -18.84 25.62
N SER B 476 -5.86 -19.05 26.60
CA SER B 476 -6.47 -17.94 27.33
C SER B 476 -6.31 -18.09 28.84
N ILE B 477 -6.72 -17.07 29.58
CA ILE B 477 -6.66 -17.14 31.04
C ILE B 477 -7.48 -18.35 31.49
N PHE B 478 -8.52 -18.65 30.72
CA PHE B 478 -9.39 -19.77 31.03
C PHE B 478 -8.76 -21.15 30.82
N THR B 479 -8.14 -21.38 29.66
CA THR B 479 -7.50 -22.66 29.42
C THR B 479 -6.31 -22.83 30.35
N LYS B 480 -5.68 -21.71 30.70
CA LYS B 480 -4.53 -21.82 31.60
C LYS B 480 -5.01 -22.23 32.98
N ARG B 481 -6.08 -21.58 33.44
CA ARG B 481 -6.65 -21.85 34.75
C ARG B 481 -7.16 -23.30 34.78
N CYS B 482 -7.88 -23.69 33.74
CA CYS B 482 -8.43 -25.04 33.69
C CYS B 482 -7.34 -26.11 33.63
N SER B 483 -6.29 -25.87 32.84
CA SER B 483 -5.21 -26.82 32.73
C SER B 483 -4.51 -26.99 34.08
N GLU B 484 -4.25 -25.88 34.76
CA GLU B 484 -3.60 -25.92 36.07
C GLU B 484 -4.45 -26.73 37.06
N ALA B 485 -5.77 -26.58 36.95
CA ALA B 485 -6.68 -27.31 37.85
C ALA B 485 -6.56 -28.83 37.65
N PHE B 486 -6.57 -29.27 36.40
CA PHE B 486 -6.47 -30.70 36.08
C PHE B 486 -5.09 -31.30 36.33
N VAL B 487 -4.05 -30.55 35.98
CA VAL B 487 -2.69 -31.04 36.10
C VAL B 487 -2.01 -30.92 37.45
N ARG B 488 -1.93 -29.71 37.97
CA ARG B 488 -1.27 -29.47 39.24
C ARG B 488 -1.97 -30.10 40.44
N ASP B 489 -3.06 -29.48 40.86
CA ASP B 489 -3.81 -29.95 42.01
C ASP B 489 -5.23 -30.40 41.67
N PRO B 490 -5.37 -31.61 41.12
CA PRO B 490 -6.68 -32.15 40.74
C PRO B 490 -7.56 -32.37 41.98
N SER B 491 -6.94 -32.82 43.06
CA SER B 491 -7.66 -33.10 44.31
C SER B 491 -8.29 -31.88 44.98
N LYS B 492 -7.73 -30.70 44.73
CA LYS B 492 -8.25 -29.47 45.32
C LYS B 492 -9.49 -28.91 44.63
N HIS B 493 -9.99 -29.63 43.62
CA HIS B 493 -11.16 -29.17 42.89
C HIS B 493 -12.23 -30.24 42.82
N SER B 494 -13.48 -29.81 42.91
CA SER B 494 -14.61 -30.72 42.83
C SER B 494 -14.91 -30.93 41.36
N VAL B 495 -15.63 -31.99 41.04
CA VAL B 495 -16.00 -32.27 39.65
C VAL B 495 -16.76 -31.07 39.09
N GLY B 496 -17.69 -30.54 39.88
CA GLY B 496 -18.47 -29.40 39.42
C GLY B 496 -17.61 -28.19 39.07
N GLU B 497 -16.56 -27.97 39.85
CA GLU B 497 -15.66 -26.84 39.61
C GLU B 497 -14.91 -27.02 38.29
N LEU B 498 -14.48 -28.24 38.02
CA LEU B 498 -13.76 -28.53 36.79
C LEU B 498 -14.70 -28.34 35.59
N GLN B 499 -15.92 -28.84 35.72
CA GLN B 499 -16.88 -28.71 34.64
C GLN B 499 -17.18 -27.24 34.33
N HIS B 500 -17.23 -26.41 35.37
CA HIS B 500 -17.53 -25.00 35.13
C HIS B 500 -16.35 -24.32 34.44
N MET B 501 -15.13 -24.69 34.81
CA MET B 501 -13.95 -24.12 34.19
C MET B 501 -13.91 -24.51 32.72
N MET B 502 -14.36 -25.72 32.41
CA MET B 502 -14.37 -26.18 31.03
C MET B 502 -15.42 -25.39 30.23
N ALA B 503 -16.55 -25.12 30.87
CA ALA B 503 -17.62 -24.36 30.21
C ALA B 503 -17.09 -22.96 29.91
N GLU B 504 -16.31 -22.42 30.84
CA GLU B 504 -15.72 -21.09 30.66
C GLU B 504 -14.74 -21.09 29.49
N CYS B 505 -13.98 -22.16 29.33
CA CYS B 505 -13.04 -22.25 28.22
C CYS B 505 -13.80 -22.23 26.90
N SER B 506 -14.83 -23.07 26.82
CA SER B 506 -15.64 -23.18 25.62
C SER B 506 -16.34 -21.86 25.27
N LYS B 507 -16.87 -21.19 26.30
CA LYS B 507 -17.55 -19.92 26.08
C LYS B 507 -16.63 -18.90 25.42
N TYR B 508 -15.47 -18.68 26.03
CA TYR B 508 -14.51 -17.71 25.49
C TYR B 508 -13.98 -18.13 24.12
N HIS B 509 -13.68 -19.41 23.95
CA HIS B 509 -13.18 -19.88 22.66
C HIS B 509 -14.23 -19.65 21.57
N GLY B 510 -15.50 -19.77 21.93
CA GLY B 510 -16.54 -19.55 20.95
C GLY B 510 -16.60 -18.08 20.58
N GLN B 511 -16.28 -17.23 21.54
CA GLN B 511 -16.28 -15.79 21.30
C GLN B 511 -15.15 -15.43 20.33
N LEU B 512 -13.95 -15.92 20.61
CA LEU B 512 -12.81 -15.63 19.74
C LEU B 512 -13.02 -16.22 18.35
N THR B 513 -13.69 -17.37 18.29
CA THR B 513 -13.94 -17.99 16.99
C THR B 513 -14.85 -17.12 16.15
N LYS B 514 -15.94 -16.63 16.75
CA LYS B 514 -16.87 -15.79 16.02
C LYS B 514 -16.22 -14.48 15.59
N GLU B 515 -15.42 -13.89 16.48
CA GLU B 515 -14.75 -12.64 16.16
C GLU B 515 -13.74 -12.82 15.05
N ALA B 516 -12.99 -13.91 15.07
CA ALA B 516 -11.98 -14.17 14.05
C ALA B 516 -12.64 -14.30 12.68
N THR B 517 -13.75 -15.03 12.64
CA THR B 517 -14.48 -15.23 11.39
C THR B 517 -14.94 -13.90 10.82
N MET B 518 -15.20 -12.94 11.70
CA MET B 518 -15.66 -11.62 11.30
C MET B 518 -14.53 -10.64 11.08
N GLY B 519 -13.29 -11.12 11.11
CA GLY B 519 -12.15 -10.24 10.91
C GLY B 519 -11.79 -9.45 12.16
N GLN B 520 -12.34 -9.86 13.30
CA GLN B 520 -12.08 -9.16 14.55
C GLN B 520 -11.01 -9.79 15.45
N GLY B 521 -10.02 -10.43 14.82
CA GLY B 521 -8.92 -10.98 15.60
C GLY B 521 -8.00 -9.77 15.69
N PHE B 522 -6.80 -9.92 16.24
CA PHE B 522 -5.89 -8.79 16.33
C PHE B 522 -4.62 -9.00 15.51
N ASP B 523 -4.28 -10.26 15.25
CA ASP B 523 -3.05 -10.58 14.53
C ASP B 523 -2.86 -9.95 13.15
N ARG B 524 -3.83 -10.11 12.27
CA ARG B 524 -3.71 -9.54 10.93
C ARG B 524 -3.62 -8.02 10.94
N HIS B 525 -4.40 -7.39 11.82
CA HIS B 525 -4.41 -5.94 11.92
C HIS B 525 -3.01 -5.45 12.32
N LEU B 526 -2.45 -6.04 13.36
CA LEU B 526 -1.13 -5.61 13.80
C LEU B 526 -0.07 -5.90 12.77
N TYR B 527 -0.23 -6.98 12.00
CA TYR B 527 0.76 -7.28 10.98
C TYR B 527 0.67 -6.26 9.85
N ALA B 528 -0.55 -5.92 9.45
CA ALA B 528 -0.75 -4.94 8.38
C ALA B 528 -0.20 -3.58 8.78
N LEU B 529 -0.29 -3.23 10.06
CA LEU B 529 0.22 -1.94 10.51
C LEU B 529 1.75 -1.94 10.42
N ARG B 530 2.37 -3.05 10.83
CA ARG B 530 3.82 -3.19 10.76
C ARG B 530 4.30 -3.15 9.32
N TYR B 531 3.62 -3.88 8.45
CA TYR B 531 3.96 -3.94 7.02
C TYR B 531 3.88 -2.55 6.41
N LEU B 532 2.88 -1.77 6.83
CA LEU B 532 2.70 -0.43 6.32
C LEU B 532 3.81 0.50 6.80
N ALA B 533 4.16 0.39 8.07
CA ALA B 533 5.22 1.21 8.64
C ALA B 533 6.50 1.03 7.82
N THR B 534 6.81 -0.22 7.51
CA THR B 534 7.99 -0.53 6.71
C THR B 534 7.90 0.10 5.32
N ALA B 535 6.73 0.00 4.69
CA ALA B 535 6.53 0.55 3.37
C ALA B 535 6.60 2.09 3.37
N ARG B 536 6.25 2.69 4.50
CA ARG B 536 6.27 4.14 4.63
C ARG B 536 7.68 4.67 4.92
N GLY B 537 8.62 3.75 5.14
CA GLY B 537 9.99 4.15 5.42
C GLY B 537 10.21 4.52 6.87
N LEU B 538 9.46 3.90 7.78
CA LEU B 538 9.59 4.16 9.20
C LEU B 538 10.33 3.01 9.87
N ASN B 539 10.95 3.29 11.01
CA ASN B 539 11.64 2.24 11.75
C ASN B 539 10.57 1.40 12.44
N LEU B 540 10.86 0.15 12.74
CA LEU B 540 9.90 -0.71 13.42
C LEU B 540 9.47 -0.08 14.74
N PRO B 541 8.17 0.16 14.93
CA PRO B 541 7.73 0.75 16.19
C PRO B 541 8.13 -0.16 17.36
N GLU B 542 8.42 0.42 18.52
CA GLU B 542 8.84 -0.36 19.69
C GLU B 542 7.89 -1.52 20.06
N LEU B 543 6.61 -1.37 19.71
CA LEU B 543 5.64 -2.43 20.00
C LEU B 543 6.11 -3.77 19.46
N TYR B 544 6.70 -3.74 18.27
CA TYR B 544 7.15 -4.96 17.61
C TYR B 544 8.54 -5.40 18.04
N LEU B 545 9.28 -4.52 18.71
CA LEU B 545 10.62 -4.83 19.17
C LEU B 545 10.50 -5.55 20.51
N ASP B 546 9.34 -5.42 21.13
CA ASP B 546 9.04 -6.04 22.41
C ASP B 546 9.22 -7.55 22.33
N PRO B 547 10.00 -8.13 23.26
CA PRO B 547 10.23 -9.59 23.27
C PRO B 547 8.89 -10.35 23.33
N ALA B 548 7.89 -9.74 23.97
CA ALA B 548 6.58 -10.36 24.11
C ALA B 548 5.88 -10.50 22.76
N TYR B 549 6.12 -9.55 21.86
CA TYR B 549 5.51 -9.59 20.54
C TYR B 549 6.15 -10.70 19.72
N GLN B 550 7.47 -10.82 19.83
CA GLN B 550 8.19 -11.85 19.10
C GLN B 550 7.75 -13.23 19.60
N GLN B 551 7.54 -13.33 20.91
CA GLN B 551 7.12 -14.58 21.51
C GLN B 551 5.71 -14.95 21.04
N MET B 552 4.82 -13.97 20.98
CA MET B 552 3.44 -14.17 20.55
C MET B 552 3.40 -14.70 19.12
N ASN B 553 4.42 -14.38 18.35
CA ASN B 553 4.46 -14.83 16.96
C ASN B 553 5.44 -15.95 16.68
N HIS B 554 5.86 -16.63 17.74
CA HIS B 554 6.75 -17.79 17.65
C HIS B 554 5.82 -18.87 18.16
N ASN B 555 4.99 -19.36 17.25
CA ASN B 555 3.95 -20.33 17.56
C ASN B 555 4.37 -21.79 17.78
N ILE B 556 4.66 -22.12 19.04
CA ILE B 556 5.06 -23.45 19.44
C ILE B 556 3.92 -24.43 19.19
N LEU B 557 2.69 -24.00 19.46
CA LEU B 557 1.55 -24.86 19.20
C LEU B 557 0.80 -24.26 18.00
N SER B 558 1.03 -24.83 16.82
CA SER B 558 0.37 -24.38 15.60
C SER B 558 -0.67 -25.44 15.25
N THR B 559 -1.92 -25.02 15.13
CA THR B 559 -3.00 -25.96 14.88
C THR B 559 -3.96 -25.56 13.78
N SER B 560 -4.62 -26.57 13.23
CA SER B 560 -5.60 -26.34 12.20
C SER B 560 -6.55 -27.54 12.18
N THR B 561 -7.83 -27.24 12.07
CA THR B 561 -8.85 -28.27 12.03
C THR B 561 -9.17 -28.52 10.56
N LEU B 562 -9.57 -29.75 10.25
CA LEU B 562 -9.91 -30.12 8.88
C LEU B 562 -11.05 -31.13 8.92
N ASN B 563 -12.23 -30.70 8.46
CA ASN B 563 -13.42 -31.56 8.46
C ASN B 563 -13.89 -31.88 7.05
N SER B 564 -13.91 -33.16 6.72
CA SER B 564 -14.34 -33.61 5.40
C SER B 564 -14.45 -35.11 5.30
N PRO B 565 -15.51 -35.60 4.64
CA PRO B 565 -15.72 -37.04 4.47
C PRO B 565 -14.76 -37.60 3.43
N ALA B 566 -14.10 -36.71 2.70
CA ALA B 566 -13.14 -37.12 1.67
C ALA B 566 -11.73 -37.25 2.23
N VAL B 567 -11.48 -36.64 3.39
CA VAL B 567 -10.17 -36.68 3.99
C VAL B 567 -9.97 -37.76 5.03
N SER B 568 -8.91 -38.55 4.88
CA SER B 568 -8.62 -39.60 5.83
C SER B 568 -7.66 -39.05 6.87
N LEU B 569 -6.72 -38.24 6.41
CA LEU B 569 -5.70 -37.65 7.28
C LEU B 569 -5.04 -36.47 6.61
N GLY B 570 -4.44 -35.59 7.40
CA GLY B 570 -3.76 -34.43 6.85
C GLY B 570 -2.62 -34.05 7.78
N GLY B 571 -1.78 -33.10 7.37
CA GLY B 571 -0.68 -32.71 8.24
C GLY B 571 0.19 -31.59 7.71
N PHE B 572 1.05 -31.07 8.59
CA PHE B 572 1.98 -30.02 8.25
C PHE B 572 3.06 -30.04 9.32
N ALA B 573 4.28 -29.63 8.97
CA ALA B 573 5.38 -29.61 9.92
C ALA B 573 5.22 -28.40 10.85
N PRO B 574 5.98 -28.35 11.95
CA PRO B 574 5.90 -27.23 12.88
C PRO B 574 6.36 -25.97 12.18
N VAL B 575 5.90 -24.80 12.65
CA VAL B 575 6.28 -23.55 12.02
C VAL B 575 7.49 -22.90 12.69
N VAL B 576 7.96 -23.48 13.79
CA VAL B 576 9.15 -23.00 14.50
C VAL B 576 9.95 -24.25 14.91
N PRO B 577 11.27 -24.12 15.07
CA PRO B 577 12.12 -25.27 15.44
C PRO B 577 11.66 -26.07 16.66
N ASP B 578 11.15 -25.39 17.68
CA ASP B 578 10.72 -26.07 18.89
C ASP B 578 9.19 -26.13 19.02
N GLY B 579 8.50 -26.23 17.89
CA GLY B 579 7.06 -26.30 17.94
C GLY B 579 6.48 -27.62 17.48
N PHE B 580 5.15 -27.69 17.48
CA PHE B 580 4.39 -28.85 17.05
C PHE B 580 3.46 -28.38 15.93
N GLY B 581 3.25 -29.23 14.93
CA GLY B 581 2.34 -28.93 13.85
C GLY B 581 1.14 -29.83 14.12
N ILE B 582 0.02 -29.26 14.54
CA ILE B 582 -1.14 -30.07 14.90
C ILE B 582 -2.35 -30.01 13.99
N ALA B 583 -2.62 -31.12 13.30
CA ALA B 583 -3.79 -31.22 12.42
C ALA B 583 -4.76 -32.10 13.19
N TYR B 584 -5.99 -31.65 13.35
CA TYR B 584 -6.95 -32.43 14.09
C TYR B 584 -8.36 -32.32 13.53
N ALA B 585 -9.19 -33.29 13.91
CA ALA B 585 -10.57 -33.31 13.46
C ALA B 585 -11.42 -33.97 14.53
N VAL B 586 -12.52 -33.32 14.89
CA VAL B 586 -13.42 -33.86 15.88
C VAL B 586 -14.59 -34.45 15.10
N HIS B 587 -14.74 -35.76 15.16
CA HIS B 587 -15.83 -36.44 14.47
C HIS B 587 -16.99 -36.66 15.44
N ASP B 588 -18.06 -37.28 14.96
CA ASP B 588 -19.22 -37.53 15.81
C ASP B 588 -18.94 -38.42 17.00
N ASP B 589 -18.19 -39.49 16.77
CA ASP B 589 -17.90 -40.45 17.84
C ASP B 589 -16.43 -40.59 18.21
N TRP B 590 -15.57 -39.81 17.58
CA TRP B 590 -14.15 -39.89 17.91
C TRP B 590 -13.42 -38.60 17.56
N ILE B 591 -12.15 -38.55 17.94
CA ILE B 591 -11.31 -37.39 17.69
C ILE B 591 -9.93 -37.83 17.19
N GLY B 592 -9.51 -37.28 16.06
CA GLY B 592 -8.21 -37.64 15.52
C GLY B 592 -7.23 -36.48 15.51
N CYS B 593 -5.94 -36.80 15.69
CA CYS B 593 -4.88 -35.79 15.67
C CYS B 593 -3.66 -36.35 14.96
N ASN B 594 -3.04 -35.54 14.11
CA ASN B 594 -1.82 -35.93 13.42
C ASN B 594 -0.85 -34.81 13.81
N VAL B 595 0.16 -35.17 14.58
CA VAL B 595 1.11 -34.18 15.09
C VAL B 595 2.56 -34.36 14.66
N SER B 596 3.17 -33.27 14.23
CA SER B 596 4.57 -33.28 13.80
C SER B 596 5.40 -32.53 14.81
N SER B 597 6.71 -32.77 14.77
CA SER B 597 7.64 -32.10 15.66
C SER B 597 9.04 -32.29 15.11
N TYR B 598 9.96 -31.44 15.55
CA TYR B 598 11.35 -31.55 15.14
C TYR B 598 12.10 -32.14 16.34
N SER B 599 13.42 -32.23 16.24
CA SER B 599 14.22 -32.81 17.33
C SER B 599 13.98 -32.22 18.70
N GLY B 600 13.68 -30.93 18.76
CA GLY B 600 13.45 -30.25 20.02
C GLY B 600 12.23 -30.67 20.81
N ARG B 601 11.23 -31.22 20.14
CA ARG B 601 10.01 -31.64 20.81
C ARG B 601 9.77 -33.12 20.56
N ASN B 602 8.71 -33.67 21.19
CA ASN B 602 8.38 -35.08 21.03
C ASN B 602 6.90 -35.27 20.74
N ALA B 603 6.57 -35.43 19.47
CA ALA B 603 5.18 -35.61 19.06
C ALA B 603 4.53 -36.82 19.70
N ARG B 604 5.25 -37.94 19.75
CA ARG B 604 4.73 -39.16 20.33
C ARG B 604 4.31 -38.98 21.79
N GLU B 605 5.20 -38.40 22.60
CA GLU B 605 4.88 -38.18 24.00
C GLU B 605 3.74 -37.16 24.17
N PHE B 606 3.76 -36.11 23.35
CA PHE B 606 2.73 -35.09 23.40
C PHE B 606 1.36 -35.72 23.16
N LEU B 607 1.28 -36.58 22.15
CA LEU B 607 0.03 -37.26 21.82
C LEU B 607 -0.41 -38.20 22.94
N HIS B 608 0.53 -38.78 23.68
CA HIS B 608 0.15 -39.66 24.79
C HIS B 608 -0.50 -38.78 25.85
N CYS B 609 0.04 -37.59 26.04
CA CYS B 609 -0.51 -36.65 27.02
C CYS B 609 -1.86 -36.11 26.54
N VAL B 610 -2.01 -35.92 25.24
CA VAL B 610 -3.28 -35.43 24.71
C VAL B 610 -4.34 -36.50 24.95
N GLN B 611 -3.94 -37.76 24.77
CA GLN B 611 -4.84 -38.88 24.99
C GLN B 611 -5.26 -38.89 26.45
N LYS B 612 -4.30 -38.75 27.35
CA LYS B 612 -4.57 -38.72 28.78
C LYS B 612 -5.46 -37.55 29.20
N CYS B 613 -5.23 -36.37 28.62
CA CYS B 613 -6.03 -35.22 28.97
C CYS B 613 -7.47 -35.37 28.48
N LEU B 614 -7.64 -35.95 27.29
CA LEU B 614 -8.99 -36.16 26.76
C LEU B 614 -9.74 -37.18 27.64
N GLU B 615 -9.02 -38.17 28.16
CA GLU B 615 -9.63 -39.16 29.04
C GLU B 615 -10.11 -38.45 30.30
N ASP B 616 -9.27 -37.60 30.87
CA ASP B 616 -9.60 -36.87 32.08
C ASP B 616 -10.76 -35.90 31.86
N ILE B 617 -10.76 -35.23 30.71
CA ILE B 617 -11.84 -34.29 30.39
C ILE B 617 -13.16 -35.04 30.29
N PHE B 618 -13.16 -36.18 29.61
CA PHE B 618 -14.38 -36.96 29.48
C PHE B 618 -14.82 -37.52 30.83
N ASP B 619 -13.87 -37.91 31.66
CA ASP B 619 -14.20 -38.44 32.98
C ASP B 619 -14.92 -37.36 33.80
N ALA B 620 -14.28 -36.20 33.91
CA ALA B 620 -14.84 -35.08 34.65
C ALA B 620 -16.24 -34.73 34.16
N LEU B 621 -16.41 -34.73 32.84
CA LEU B 621 -17.71 -34.42 32.25
C LEU B 621 -18.74 -35.47 32.61
N GLU B 622 -18.27 -36.65 33.01
CA GLU B 622 -19.17 -37.74 33.39
C GLU B 622 -19.40 -37.77 34.90
N GLY B 623 -18.64 -36.96 35.64
CA GLY B 623 -18.80 -36.91 37.07
C GLY B 623 -17.73 -37.67 37.84
N LYS B 624 -16.75 -38.22 37.13
CA LYS B 624 -15.67 -38.96 37.78
C LYS B 624 -14.58 -37.99 38.19
N ALA B 625 -14.05 -38.17 39.39
CA ALA B 625 -12.99 -37.30 39.88
C ALA B 625 -11.65 -37.68 39.28
N ILE B 626 -10.77 -36.70 39.13
CA ILE B 626 -9.44 -36.94 38.59
C ILE B 626 -8.47 -37.10 39.75
#